data_1V9D
#
_entry.id   1V9D
#
_cell.length_a   82.430
_cell.length_b   124.521
_cell.length_c   229.404
_cell.angle_alpha   90.00
_cell.angle_beta   90.00
_cell.angle_gamma   90.00
#
_symmetry.space_group_name_H-M   'P 21 21 21'
#
loop_
_entity.id
_entity.type
_entity.pdbx_description
1 polymer 'Diaphanous protein homolog 1'
2 non-polymer 'SULFATE ION'
3 water water
#
_entity_poly.entity_id   1
_entity_poly.type   'polypeptide(L)'
_entity_poly.pdbx_seq_one_letter_code
;GSKKKVKELKVLDSKTAQNLSIFLGSFRMPYQEIKNVILEVNEAVLTESMIQNLIKQMPEPEQLKMLSELKEEYDDLAES
EQFGVVMGTVPRLRPRLNAILFKLQFSEQVENIKPEIVSVTAACEELRKSENFSSLLELTLLVGNYMNAGSRNAGAFGFN
ISFLCKLRDTKSADQKMTLLHFLAELCENDHPEVLKFPDELAHVEKASRVSAENLQKSLDQMKKQIADVERDVQNFPAAT
DEKDKFVEKMTSFVKDAQEQYNKLRMMHSNMETLYKELGDYFVFDPKKLSVEEFFMDLHNFRNMFLQAVKENQKRRETEE
KMRRAKLAKEKAEKERLEKQ
;
_entity_poly.pdbx_strand_id   A,B,C,D
#
# COMPACT_ATOMS: atom_id res chain seq x y z
N VAL A 6 24.73 -27.59 20.84
CA VAL A 6 26.22 -27.52 20.85
C VAL A 6 26.69 -26.11 21.18
N LYS A 7 27.91 -26.01 21.71
CA LYS A 7 28.48 -24.71 22.06
C LYS A 7 27.68 -24.06 23.17
N GLU A 8 28.11 -24.26 24.41
CA GLU A 8 27.43 -23.72 25.57
C GLU A 8 27.56 -22.20 25.68
N LEU A 9 26.44 -21.52 25.89
CA LEU A 9 26.45 -20.08 26.05
C LEU A 9 27.10 -19.81 27.40
N LYS A 10 27.97 -18.81 27.48
CA LYS A 10 28.60 -18.52 28.76
C LYS A 10 28.20 -17.20 29.37
N VAL A 11 27.51 -16.35 28.61
CA VAL A 11 27.10 -15.06 29.12
C VAL A 11 25.69 -14.70 28.70
N LEU A 12 25.43 -14.75 27.40
CA LEU A 12 24.14 -14.38 26.84
C LEU A 12 22.95 -15.21 27.34
N ASP A 13 21.80 -14.54 27.46
CA ASP A 13 20.56 -15.18 27.89
C ASP A 13 19.94 -15.83 26.66
N SER A 14 19.37 -17.02 26.84
CA SER A 14 18.75 -17.78 25.76
C SER A 14 18.15 -16.96 24.61
N LYS A 15 17.28 -16.00 24.93
CA LYS A 15 16.63 -15.19 23.91
C LYS A 15 17.61 -14.39 23.06
N THR A 16 18.41 -13.55 23.72
CA THR A 16 19.38 -12.73 23.00
C THR A 16 20.20 -13.60 22.06
N ALA A 17 20.63 -14.76 22.52
CA ALA A 17 21.44 -15.62 21.69
C ALA A 17 20.65 -16.11 20.50
N GLN A 18 19.39 -16.46 20.74
CA GLN A 18 18.56 -16.95 19.66
C GLN A 18 18.42 -15.85 18.61
N ASN A 19 18.09 -14.65 19.06
CA ASN A 19 17.92 -13.53 18.16
C ASN A 19 19.21 -13.14 17.45
N LEU A 20 20.31 -13.11 18.19
CA LEU A 20 21.58 -12.76 17.59
C LEU A 20 21.86 -13.71 16.46
N SER A 21 21.62 -14.98 16.73
CA SER A 21 21.86 -16.02 15.74
C SER A 21 21.04 -15.83 14.49
N ILE A 22 19.75 -15.55 14.63
CA ILE A 22 18.93 -15.34 13.45
C ILE A 22 19.47 -14.12 12.70
N PHE A 23 19.69 -13.04 13.44
CA PHE A 23 20.22 -11.82 12.86
C PHE A 23 21.54 -12.06 12.12
N LEU A 24 22.52 -12.60 12.83
CA LEU A 24 23.82 -12.86 12.21
C LEU A 24 23.70 -13.84 11.06
N GLY A 25 22.63 -14.63 11.06
CA GLY A 25 22.44 -15.58 9.99
C GLY A 25 22.13 -14.90 8.67
N SER A 26 21.48 -13.74 8.74
CA SER A 26 21.12 -13.03 7.53
C SER A 26 22.03 -11.86 7.23
N PHE A 27 22.59 -11.25 8.28
CA PHE A 27 23.48 -10.12 8.06
C PHE A 27 24.76 -10.64 7.36
N ARG A 28 25.26 -11.76 7.84
CA ARG A 28 26.42 -12.44 7.27
C ARG A 28 27.62 -11.55 6.92
N MET A 29 28.08 -10.78 7.90
CA MET A 29 29.22 -9.94 7.70
C MET A 29 30.19 -10.42 8.78
N PRO A 30 31.39 -10.86 8.38
CA PRO A 30 32.41 -11.35 9.33
C PRO A 30 32.50 -10.33 10.46
N TYR A 31 32.56 -10.79 11.70
CA TYR A 31 32.60 -9.90 12.85
C TYR A 31 33.67 -8.81 12.85
N GLN A 32 34.87 -9.12 12.37
CA GLN A 32 35.96 -8.14 12.32
C GLN A 32 35.53 -7.05 11.34
N GLU A 33 34.95 -7.46 10.22
CA GLU A 33 34.51 -6.52 9.22
C GLU A 33 33.44 -5.58 9.80
N ILE A 34 32.53 -6.09 10.62
CA ILE A 34 31.50 -5.25 11.22
C ILE A 34 32.17 -4.18 12.09
N LYS A 35 33.13 -4.61 12.89
CA LYS A 35 33.87 -3.70 13.75
C LYS A 35 34.64 -2.68 12.91
N ASN A 36 35.37 -3.14 11.92
CA ASN A 36 36.14 -2.25 11.07
C ASN A 36 35.23 -1.17 10.49
N VAL A 37 34.10 -1.58 9.95
CA VAL A 37 33.14 -0.65 9.36
C VAL A 37 32.62 0.40 10.35
N ILE A 38 32.32 -0.03 11.57
CA ILE A 38 31.87 0.88 12.61
C ILE A 38 33.01 1.84 13.00
N LEU A 39 34.24 1.34 13.10
CA LEU A 39 35.36 2.18 13.48
C LEU A 39 35.74 3.16 12.37
N GLU A 40 35.64 2.72 11.12
CA GLU A 40 35.97 3.57 9.98
C GLU A 40 34.79 4.50 9.70
N VAL A 41 33.61 4.19 10.25
CA VAL A 41 32.40 4.94 9.93
C VAL A 41 32.43 4.92 8.38
N ASN A 42 32.43 3.72 7.82
CA ASN A 42 32.52 3.52 6.37
C ASN A 42 31.20 3.87 5.66
N GLU A 43 31.18 5.06 5.05
CA GLU A 43 29.98 5.52 4.38
C GLU A 43 29.59 4.71 3.16
N ALA A 44 30.54 4.00 2.57
CA ALA A 44 30.20 3.18 1.42
C ALA A 44 29.46 1.92 1.88
N VAL A 45 29.45 1.69 3.19
CA VAL A 45 28.80 0.50 3.74
C VAL A 45 27.63 0.77 4.69
N LEU A 46 27.87 1.63 5.66
CA LEU A 46 26.86 1.94 6.65
C LEU A 46 25.57 2.49 6.08
N THR A 47 24.44 2.03 6.62
CA THR A 47 23.12 2.54 6.22
C THR A 47 22.34 2.74 7.52
N GLU A 48 21.37 3.64 7.47
CA GLU A 48 20.56 3.89 8.65
C GLU A 48 20.03 2.56 9.17
N SER A 49 19.45 1.78 8.27
CA SER A 49 18.88 0.49 8.64
C SER A 49 19.89 -0.46 9.30
N MET A 50 21.07 -0.56 8.70
CA MET A 50 22.13 -1.40 9.24
C MET A 50 22.43 -1.00 10.68
N ILE A 51 22.66 0.29 10.91
CA ILE A 51 22.96 0.73 12.26
C ILE A 51 21.79 0.49 13.23
N GLN A 52 20.57 0.76 12.79
CA GLN A 52 19.42 0.53 13.68
C GLN A 52 19.33 -0.93 14.10
N ASN A 53 19.64 -1.84 13.19
CA ASN A 53 19.59 -3.25 13.56
C ASN A 53 20.71 -3.61 14.53
N LEU A 54 21.92 -3.11 14.30
CA LEU A 54 23.01 -3.41 15.23
C LEU A 54 22.64 -2.95 16.63
N ILE A 55 22.08 -1.74 16.73
CA ILE A 55 21.68 -1.20 18.01
C ILE A 55 20.64 -2.10 18.70
N LYS A 56 19.63 -2.48 17.94
CA LYS A 56 18.57 -3.33 18.47
C LYS A 56 19.07 -4.72 18.89
N GLN A 57 19.96 -5.31 18.09
CA GLN A 57 20.47 -6.65 18.39
C GLN A 57 21.55 -6.66 19.45
N MET A 58 22.38 -5.63 19.49
CA MET A 58 23.46 -5.56 20.46
C MET A 58 23.16 -6.03 21.86
N PRO A 59 23.95 -6.98 22.37
CA PRO A 59 23.72 -7.45 23.74
C PRO A 59 23.96 -6.24 24.63
N GLU A 60 23.26 -6.15 25.77
CA GLU A 60 23.45 -5.02 26.68
C GLU A 60 24.93 -4.90 27.14
N PRO A 61 25.32 -3.72 27.63
CA PRO A 61 26.69 -3.48 28.09
C PRO A 61 27.25 -4.51 29.07
N GLU A 62 26.43 -4.90 30.04
CA GLU A 62 26.85 -5.86 31.06
C GLU A 62 27.27 -7.19 30.48
N GLN A 63 26.62 -7.60 29.39
CA GLN A 63 26.94 -8.88 28.76
C GLN A 63 28.19 -8.74 27.90
N LEU A 64 28.33 -7.60 27.24
CA LEU A 64 29.49 -7.39 26.39
C LEU A 64 30.74 -7.35 27.25
N LYS A 65 30.60 -6.85 28.47
CA LYS A 65 31.71 -6.77 29.41
C LYS A 65 32.10 -8.15 29.90
N MET A 66 31.11 -8.98 30.23
CA MET A 66 31.41 -10.32 30.68
C MET A 66 32.02 -11.15 29.56
N LEU A 67 31.64 -10.86 28.32
CA LEU A 67 32.19 -11.60 27.20
C LEU A 67 33.57 -11.05 26.87
N SER A 68 33.79 -9.79 27.21
CA SER A 68 35.07 -9.14 26.93
C SER A 68 36.19 -9.85 27.66
N GLU A 69 35.82 -10.63 28.69
CA GLU A 69 36.80 -11.35 29.49
C GLU A 69 36.98 -12.79 29.05
N LEU A 70 36.43 -13.13 27.90
CA LEU A 70 36.50 -14.49 27.37
C LEU A 70 37.28 -14.58 26.05
N LYS A 71 38.13 -13.58 25.79
CA LYS A 71 38.88 -13.58 24.55
C LYS A 71 39.73 -14.84 24.33
N GLU A 72 40.27 -15.41 25.39
CA GLU A 72 41.09 -16.59 25.23
C GLU A 72 40.32 -17.77 24.66
N GLU A 73 39.04 -17.88 24.98
CA GLU A 73 38.24 -18.99 24.48
C GLU A 73 37.35 -18.67 23.29
N TYR A 74 37.66 -17.56 22.63
CA TYR A 74 36.89 -17.14 21.45
C TYR A 74 36.50 -18.30 20.55
N ASP A 75 37.47 -19.12 20.19
CA ASP A 75 37.21 -20.24 19.28
C ASP A 75 36.24 -21.30 19.77
N ASP A 76 36.00 -21.34 21.09
CA ASP A 76 35.10 -22.34 21.62
C ASP A 76 33.72 -21.77 21.84
N LEU A 77 33.60 -20.46 21.69
CA LEU A 77 32.32 -19.81 21.88
C LEU A 77 31.40 -19.95 20.69
N ALA A 78 30.10 -19.82 20.96
CA ALA A 78 29.06 -19.86 19.93
C ALA A 78 29.14 -18.58 19.10
N GLU A 79 28.65 -18.65 17.88
CA GLU A 79 28.69 -17.50 16.99
C GLU A 79 28.16 -16.20 17.59
N SER A 80 27.05 -16.27 18.31
CA SER A 80 26.49 -15.07 18.89
C SER A 80 27.40 -14.48 19.96
N GLU A 81 28.13 -15.32 20.68
CA GLU A 81 29.00 -14.79 21.71
C GLU A 81 30.33 -14.30 21.15
N GLN A 82 30.78 -14.89 20.04
CA GLN A 82 32.02 -14.44 19.41
C GLN A 82 31.75 -13.02 18.92
N PHE A 83 30.58 -12.84 18.33
CA PHE A 83 30.16 -11.55 17.85
C PHE A 83 30.18 -10.60 19.04
N GLY A 84 29.68 -11.08 20.18
CA GLY A 84 29.66 -10.25 21.37
C GLY A 84 31.06 -9.85 21.82
N VAL A 85 32.01 -10.79 21.75
CA VAL A 85 33.38 -10.49 22.15
C VAL A 85 33.94 -9.38 21.28
N VAL A 86 33.92 -9.57 19.97
CA VAL A 86 34.45 -8.55 19.09
C VAL A 86 33.76 -7.22 19.37
N MET A 87 32.43 -7.22 19.39
CA MET A 87 31.74 -5.98 19.66
C MET A 87 32.15 -5.42 21.02
N GLY A 88 32.41 -6.33 21.96
CA GLY A 88 32.80 -5.93 23.30
C GLY A 88 34.12 -5.17 23.33
N THR A 89 34.92 -5.26 22.28
CA THR A 89 36.20 -4.56 22.24
C THR A 89 36.07 -3.16 21.61
N VAL A 90 34.86 -2.71 21.31
CA VAL A 90 34.70 -1.38 20.71
C VAL A 90 34.42 -0.36 21.80
N PRO A 91 35.34 0.60 22.00
CA PRO A 91 35.11 1.60 23.04
C PRO A 91 33.86 2.44 22.78
N ARG A 92 33.10 2.71 23.83
CA ARG A 92 31.90 3.52 23.74
C ARG A 92 31.02 3.09 22.59
N LEU A 93 30.79 1.79 22.47
CA LEU A 93 30.00 1.24 21.38
C LEU A 93 28.66 1.97 21.20
N ARG A 94 27.88 2.08 22.26
CA ARG A 94 26.57 2.71 22.16
C ARG A 94 26.59 4.16 21.71
N PRO A 95 27.34 5.02 22.39
CA PRO A 95 27.33 6.41 21.91
C PRO A 95 27.85 6.48 20.48
N ARG A 96 28.78 5.59 20.17
CA ARG A 96 29.38 5.56 18.84
C ARG A 96 28.33 5.23 17.79
N LEU A 97 27.56 4.18 18.07
CA LEU A 97 26.50 3.75 17.16
C LEU A 97 25.41 4.81 17.04
N ASN A 98 25.04 5.46 18.15
CA ASN A 98 24.02 6.48 18.08
C ASN A 98 24.49 7.72 17.34
N ALA A 99 25.75 8.08 17.48
CA ALA A 99 26.22 9.25 16.78
C ALA A 99 26.25 8.92 15.30
N ILE A 100 26.64 7.70 14.97
CA ILE A 100 26.70 7.33 13.55
C ILE A 100 25.30 7.36 12.92
N LEU A 101 24.32 6.88 13.67
CA LEU A 101 22.95 6.89 13.16
C LEU A 101 22.48 8.33 12.95
N PHE A 102 22.86 9.19 13.88
CA PHE A 102 22.47 10.59 13.81
C PHE A 102 23.07 11.22 12.58
N LYS A 103 24.35 10.92 12.32
CA LYS A 103 25.00 11.50 11.17
C LYS A 103 24.38 11.00 9.88
N LEU A 104 23.82 9.80 9.88
CA LEU A 104 23.19 9.27 8.66
C LEU A 104 21.80 9.86 8.45
N GLN A 105 21.10 10.15 9.55
CA GLN A 105 19.75 10.67 9.50
C GLN A 105 19.57 12.18 9.39
N PHE A 106 20.56 12.93 9.86
CA PHE A 106 20.48 14.39 9.94
C PHE A 106 19.97 15.19 8.74
N SER A 107 20.68 15.13 7.62
CA SER A 107 20.28 15.92 6.48
C SER A 107 18.84 15.63 6.08
N GLU A 108 18.37 14.40 6.29
CA GLU A 108 17.01 14.11 5.92
C GLU A 108 16.01 14.59 6.95
N GLN A 109 16.34 14.54 8.24
CA GLN A 109 15.35 15.04 9.15
C GLN A 109 15.26 16.55 9.05
N VAL A 110 16.28 17.18 8.47
CA VAL A 110 16.23 18.60 8.29
C VAL A 110 15.30 18.81 7.08
N GLU A 111 15.51 17.98 6.07
CA GLU A 111 14.73 18.03 4.86
C GLU A 111 13.24 17.82 5.13
N ASN A 112 12.89 17.20 6.25
CA ASN A 112 11.48 16.96 6.54
C ASN A 112 10.90 18.02 7.46
N ILE A 113 11.72 18.99 7.84
CA ILE A 113 11.25 20.04 8.71
C ILE A 113 11.12 21.32 7.90
N LYS A 114 12.15 21.62 7.12
CA LYS A 114 12.19 22.82 6.32
C LYS A 114 10.88 23.12 5.60
N PRO A 115 10.38 22.18 4.78
CA PRO A 115 9.13 22.35 4.03
C PRO A 115 7.99 23.02 4.78
N GLU A 116 7.70 22.53 5.98
CA GLU A 116 6.63 23.09 6.78
C GLU A 116 6.90 24.57 7.02
N ILE A 117 8.07 24.86 7.56
CA ILE A 117 8.45 26.24 7.84
C ILE A 117 8.30 27.10 6.58
N VAL A 118 8.71 26.56 5.44
CA VAL A 118 8.63 27.28 4.18
C VAL A 118 7.18 27.50 3.74
N SER A 119 6.34 26.49 3.92
CA SER A 119 4.95 26.61 3.53
C SER A 119 4.29 27.74 4.29
N VAL A 120 4.41 27.70 5.61
CA VAL A 120 3.82 28.73 6.46
C VAL A 120 4.43 30.09 6.14
N THR A 121 5.75 30.12 6.02
CA THR A 121 6.44 31.36 5.70
C THR A 121 5.94 31.94 4.39
N ALA A 122 5.96 31.15 3.33
CA ALA A 122 5.51 31.62 2.02
C ALA A 122 4.05 32.06 2.10
N ALA A 123 3.25 31.37 2.90
CA ALA A 123 1.84 31.71 3.02
C ALA A 123 1.75 33.12 3.61
N CYS A 124 2.42 33.35 4.74
CA CYS A 124 2.41 34.65 5.38
C CYS A 124 2.78 35.75 4.39
N GLU A 125 3.78 35.46 3.56
CA GLU A 125 4.25 36.43 2.57
C GLU A 125 3.22 36.68 1.49
N GLU A 126 2.62 35.61 0.97
CA GLU A 126 1.62 35.76 -0.09
C GLU A 126 0.44 36.57 0.40
N LEU A 127 0.00 36.31 1.63
CA LEU A 127 -1.11 37.03 2.23
C LEU A 127 -0.80 38.53 2.21
N ARG A 128 0.13 38.94 3.06
CA ARG A 128 0.57 40.33 3.19
C ARG A 128 0.76 41.04 1.86
N LYS A 129 1.06 40.29 0.80
CA LYS A 129 1.28 40.88 -0.52
C LYS A 129 0.04 40.81 -1.41
N SER A 130 -1.13 40.59 -0.82
CA SER A 130 -2.36 40.50 -1.57
C SER A 130 -3.44 41.40 -1.00
N GLU A 131 -3.52 42.62 -1.54
CA GLU A 131 -4.52 43.60 -1.12
C GLU A 131 -5.86 43.03 -1.56
N ASN A 132 -5.82 42.24 -2.63
CA ASN A 132 -6.99 41.59 -3.18
C ASN A 132 -7.82 40.96 -2.08
N PHE A 133 -7.15 40.43 -1.05
CA PHE A 133 -7.87 39.84 0.08
C PHE A 133 -8.05 40.90 1.15
N SER A 134 -6.96 41.59 1.47
CA SER A 134 -6.97 42.64 2.49
C SER A 134 -8.30 43.40 2.51
N SER A 135 -8.87 43.60 1.33
CA SER A 135 -10.12 44.32 1.20
C SER A 135 -11.37 43.53 1.61
N LEU A 136 -11.60 42.39 0.94
CA LEU A 136 -12.77 41.54 1.23
C LEU A 136 -13.14 41.38 2.70
N LEU A 137 -14.00 42.26 3.20
CA LEU A 137 -14.45 42.20 4.60
C LEU A 137 -15.79 42.89 4.79
N SER A 162 -15.75 33.39 8.93
CA SER A 162 -16.32 34.33 9.91
C SER A 162 -17.77 34.66 9.54
N PHE A 163 -17.93 35.77 8.82
CA PHE A 163 -19.23 36.26 8.37
C PHE A 163 -19.55 35.67 7.00
N LEU A 164 -18.50 35.48 6.19
CA LEU A 164 -18.63 34.92 4.86
C LEU A 164 -19.51 33.69 4.96
N CYS A 165 -19.53 33.09 6.14
CA CYS A 165 -20.32 31.89 6.39
C CYS A 165 -21.82 32.20 6.44
N LYS A 166 -22.19 33.22 7.20
CA LYS A 166 -23.59 33.62 7.33
C LYS A 166 -24.24 33.90 5.98
N LEU A 167 -23.46 34.48 5.06
CA LEU A 167 -23.97 34.78 3.73
C LEU A 167 -24.35 33.49 3.01
N ARG A 168 -23.47 32.50 3.09
CA ARG A 168 -23.70 31.21 2.45
C ARG A 168 -24.84 30.45 3.12
N ASP A 169 -25.23 30.91 4.31
CA ASP A 169 -26.31 30.29 5.06
C ASP A 169 -27.67 30.76 4.54
N THR A 170 -27.97 32.02 4.81
CA THR A 170 -29.22 32.63 4.39
C THR A 170 -29.34 32.77 2.87
N LYS A 171 -30.50 32.40 2.34
CA LYS A 171 -30.75 32.48 0.90
C LYS A 171 -30.98 33.93 0.50
N SER A 172 -30.90 34.20 -0.80
CA SER A 172 -31.11 35.55 -1.33
C SER A 172 -32.60 35.91 -1.27
N ALA A 173 -33.00 36.93 -2.01
CA ALA A 173 -34.40 37.36 -2.05
C ALA A 173 -35.27 36.14 -2.34
N ASP A 174 -34.97 35.48 -3.44
CA ASP A 174 -35.68 34.28 -3.85
C ASP A 174 -34.76 33.10 -3.57
N GLN A 175 -35.32 32.02 -3.02
CA GLN A 175 -34.53 30.83 -2.70
C GLN A 175 -33.56 30.47 -3.83
N LYS A 176 -33.82 31.04 -5.00
CA LYS A 176 -33.03 30.82 -6.20
C LYS A 176 -31.52 31.08 -6.06
N MET A 177 -31.10 31.67 -4.94
CA MET A 177 -29.69 31.98 -4.78
C MET A 177 -29.25 32.19 -3.33
N THR A 178 -27.96 32.46 -3.16
CA THR A 178 -27.38 32.70 -1.84
C THR A 178 -26.77 34.08 -1.76
N LEU A 179 -26.78 34.67 -0.56
CA LEU A 179 -26.22 35.99 -0.36
C LEU A 179 -24.72 36.03 -0.66
N LEU A 180 -24.09 34.86 -0.64
CA LEU A 180 -22.66 34.78 -0.92
C LEU A 180 -22.48 34.91 -2.42
N HIS A 181 -23.33 34.23 -3.19
CA HIS A 181 -23.25 34.29 -4.65
C HIS A 181 -23.45 35.74 -5.05
N PHE A 182 -24.40 36.39 -4.38
CA PHE A 182 -24.73 37.78 -4.61
C PHE A 182 -23.46 38.62 -4.51
N LEU A 183 -22.89 38.69 -3.31
CA LEU A 183 -21.66 39.43 -3.09
C LEU A 183 -20.57 39.02 -4.08
N ALA A 184 -20.48 37.72 -4.35
CA ALA A 184 -19.48 37.19 -5.27
C ALA A 184 -19.65 37.70 -6.69
N GLU A 185 -20.89 37.90 -7.12
CA GLU A 185 -21.14 38.40 -8.47
C GLU A 185 -20.92 39.91 -8.53
N LEU A 186 -21.26 40.60 -7.43
CA LEU A 186 -21.06 42.04 -7.39
C LEU A 186 -19.58 42.30 -7.62
N CYS A 187 -18.74 41.60 -6.83
CA CYS A 187 -17.30 41.73 -6.93
C CYS A 187 -16.84 41.39 -8.33
N GLU A 188 -17.35 40.26 -8.84
CA GLU A 188 -17.00 39.79 -10.16
C GLU A 188 -17.36 40.77 -11.27
N ASN A 189 -18.24 41.73 -10.98
CA ASN A 189 -18.64 42.72 -11.97
C ASN A 189 -17.96 44.07 -11.80
N ASP A 190 -18.04 44.64 -10.60
CA ASP A 190 -17.45 45.94 -10.30
C ASP A 190 -16.22 45.84 -9.41
N HIS A 191 -15.34 44.91 -9.75
CA HIS A 191 -14.10 44.66 -9.00
C HIS A 191 -13.50 43.35 -9.52
N PRO A 192 -13.49 43.13 -10.85
CA PRO A 192 -12.94 41.91 -11.46
C PRO A 192 -11.48 41.58 -11.11
N GLU A 193 -10.90 42.34 -10.20
CA GLU A 193 -9.52 42.12 -9.80
C GLU A 193 -9.43 41.21 -8.57
N VAL A 194 -10.42 40.34 -8.42
CA VAL A 194 -10.45 39.40 -7.30
C VAL A 194 -10.43 37.96 -7.83
N LEU A 195 -10.59 37.83 -9.14
CA LEU A 195 -10.57 36.53 -9.80
C LEU A 195 -9.16 35.94 -9.67
N LYS A 196 -8.21 36.80 -9.31
CA LYS A 196 -6.82 36.41 -9.15
C LYS A 196 -6.50 36.05 -7.71
N PHE A 197 -7.18 36.73 -6.77
CA PHE A 197 -6.99 36.50 -5.35
C PHE A 197 -6.69 35.05 -4.98
N PRO A 198 -7.59 34.11 -5.33
CA PRO A 198 -7.38 32.68 -5.02
C PRO A 198 -6.06 32.09 -5.51
N ASP A 199 -5.56 32.58 -6.63
CA ASP A 199 -4.32 32.07 -7.22
C ASP A 199 -3.06 32.69 -6.63
N GLU A 200 -3.23 33.69 -5.75
CA GLU A 200 -2.09 34.34 -5.12
C GLU A 200 -1.93 33.87 -3.69
N LEU A 201 -2.44 32.68 -3.41
CA LEU A 201 -2.35 32.09 -2.08
C LEU A 201 -1.91 30.63 -2.24
N ALA A 202 -0.84 30.44 -3.01
CA ALA A 202 -0.30 29.12 -3.31
C ALA A 202 0.01 28.20 -2.13
N HIS A 203 0.52 28.75 -1.03
CA HIS A 203 0.88 27.93 0.11
C HIS A 203 -0.10 27.91 1.28
N VAL A 204 -1.23 28.57 1.12
CA VAL A 204 -2.21 28.61 2.21
C VAL A 204 -2.76 27.25 2.59
N GLU A 205 -2.96 26.37 1.62
CA GLU A 205 -3.48 25.05 1.94
C GLU A 205 -2.43 24.27 2.70
N LYS A 206 -1.20 24.25 2.17
CA LYS A 206 -0.10 23.56 2.82
C LYS A 206 -0.03 24.07 4.27
N ALA A 207 -0.05 25.39 4.43
CA ALA A 207 0.02 25.99 5.75
C ALA A 207 -1.08 25.54 6.70
N SER A 208 -2.27 25.27 6.14
CA SER A 208 -3.37 24.85 6.99
C SER A 208 -3.17 23.45 7.57
N ARG A 209 -2.34 22.66 6.89
CA ARG A 209 -2.07 21.29 7.34
C ARG A 209 -0.93 21.20 8.36
N VAL A 210 0.00 22.14 8.29
CA VAL A 210 1.13 22.18 9.21
C VAL A 210 0.67 22.13 10.67
N SER A 211 1.60 21.86 11.58
CA SER A 211 1.33 21.80 13.01
C SER A 211 2.42 22.60 13.71
N ALA A 212 2.07 23.77 14.23
CA ALA A 212 3.04 24.63 14.90
C ALA A 212 3.70 23.94 16.07
N GLU A 213 2.92 23.21 16.87
CA GLU A 213 3.47 22.54 18.03
C GLU A 213 4.49 21.49 17.66
N ASN A 214 4.16 20.66 16.67
CA ASN A 214 5.06 19.61 16.22
C ASN A 214 6.34 20.19 15.66
N LEU A 215 6.24 21.28 14.91
CA LEU A 215 7.41 21.92 14.33
C LEU A 215 8.39 22.24 15.46
N GLN A 216 7.85 22.83 16.53
CA GLN A 216 8.64 23.19 17.70
C GLN A 216 9.35 21.98 18.29
N LYS A 217 8.61 20.89 18.46
CA LYS A 217 9.21 19.69 19.01
C LYS A 217 10.33 19.22 18.09
N SER A 218 10.04 19.12 16.80
CA SER A 218 11.05 18.68 15.86
C SER A 218 12.34 19.46 16.06
N LEU A 219 12.21 20.77 16.26
CA LEU A 219 13.36 21.62 16.45
C LEU A 219 14.07 21.40 17.78
N ASP A 220 13.31 21.24 18.85
CA ASP A 220 13.91 21.02 20.15
C ASP A 220 14.50 19.63 20.21
N GLN A 221 13.82 18.67 19.60
CA GLN A 221 14.33 17.32 19.58
C GLN A 221 15.64 17.33 18.80
N MET A 222 15.70 18.11 17.73
CA MET A 222 16.92 18.16 16.95
C MET A 222 18.06 18.78 17.76
N LYS A 223 17.74 19.87 18.47
CA LYS A 223 18.75 20.56 19.27
C LYS A 223 19.37 19.58 20.27
N LYS A 224 18.50 18.84 20.95
CA LYS A 224 18.94 17.89 21.95
C LYS A 224 19.83 16.79 21.35
N GLN A 225 19.39 16.19 20.23
CA GLN A 225 20.15 15.15 19.57
C GLN A 225 21.54 15.65 19.24
N ILE A 226 21.62 16.86 18.69
CA ILE A 226 22.90 17.43 18.34
C ILE A 226 23.74 17.67 19.60
N ALA A 227 23.10 18.06 20.69
CA ALA A 227 23.82 18.31 21.92
C ALA A 227 24.42 17.02 22.47
N ASP A 228 23.59 15.99 22.56
CA ASP A 228 24.00 14.68 23.05
C ASP A 228 25.17 14.09 22.26
N VAL A 229 25.09 14.18 20.93
CA VAL A 229 26.17 13.66 20.13
C VAL A 229 27.38 14.50 20.48
N GLU A 230 27.21 15.82 20.45
CA GLU A 230 28.30 16.75 20.77
C GLU A 230 28.93 16.41 22.10
N ARG A 231 28.09 16.07 23.08
CA ARG A 231 28.62 15.71 24.38
C ARG A 231 29.48 14.45 24.26
N ASP A 232 28.94 13.43 23.60
CA ASP A 232 29.65 12.17 23.43
C ASP A 232 30.99 12.34 22.72
N VAL A 233 31.04 13.24 21.74
CA VAL A 233 32.29 13.45 21.03
C VAL A 233 33.32 14.09 21.94
N GLN A 234 32.88 15.02 22.78
CA GLN A 234 33.78 15.70 23.68
C GLN A 234 34.37 14.75 24.72
N ASN A 235 33.54 13.86 25.26
CA ASN A 235 33.98 12.91 26.28
C ASN A 235 34.48 11.62 25.66
N PHE A 236 34.80 11.64 24.37
CA PHE A 236 35.21 10.43 23.70
C PHE A 236 36.69 10.07 23.80
N PRO A 237 36.99 8.80 24.07
CA PRO A 237 38.36 8.27 24.19
C PRO A 237 39.14 8.51 22.92
N ALA A 238 40.42 8.82 23.06
CA ALA A 238 41.25 9.04 21.89
C ALA A 238 41.48 7.72 21.16
N ALA A 239 41.68 7.80 19.86
CA ALA A 239 41.90 6.62 19.04
C ALA A 239 43.21 5.95 19.42
N THR A 240 43.23 4.63 19.45
CA THR A 240 44.45 3.92 19.74
C THR A 240 44.88 3.10 18.53
N ASP A 241 44.23 3.35 17.40
CA ASP A 241 44.58 2.68 16.15
C ASP A 241 44.28 3.61 14.98
N GLU A 242 44.87 3.33 13.83
CA GLU A 242 44.70 4.18 12.66
C GLU A 242 43.41 3.96 11.92
N LYS A 243 42.58 3.06 12.41
CA LYS A 243 41.34 2.77 11.71
C LYS A 243 40.16 3.50 12.31
N ASP A 244 40.25 3.84 13.59
CA ASP A 244 39.17 4.54 14.26
C ASP A 244 39.06 6.00 13.81
N LYS A 245 38.05 6.30 13.00
CA LYS A 245 37.87 7.65 12.45
C LYS A 245 36.75 8.40 13.13
N PHE A 246 36.22 7.85 14.21
CA PHE A 246 35.09 8.48 14.88
C PHE A 246 35.27 9.96 15.22
N VAL A 247 36.17 10.26 16.14
CA VAL A 247 36.40 11.62 16.58
C VAL A 247 36.63 12.62 15.46
N GLU A 248 37.49 12.27 14.52
CA GLU A 248 37.80 13.12 13.39
C GLU A 248 36.52 13.46 12.60
N LYS A 249 35.72 12.45 12.31
CA LYS A 249 34.50 12.65 11.55
C LYS A 249 33.33 13.27 12.31
N MET A 250 33.06 12.79 13.51
CA MET A 250 31.95 13.31 14.30
C MET A 250 32.18 14.72 14.80
N THR A 251 33.43 15.03 15.14
CA THR A 251 33.75 16.37 15.62
C THR A 251 33.42 17.35 14.49
N SER A 252 33.84 16.99 13.29
CA SER A 252 33.62 17.83 12.13
C SER A 252 32.15 17.90 11.73
N PHE A 253 31.46 16.76 11.76
CA PHE A 253 30.06 16.69 11.40
C PHE A 253 29.19 17.45 12.39
N VAL A 254 29.51 17.33 13.67
CA VAL A 254 28.76 18.01 14.70
C VAL A 254 28.77 19.51 14.45
N LYS A 255 29.88 20.01 13.91
CA LYS A 255 30.00 21.43 13.61
C LYS A 255 29.04 21.76 12.47
N ASP A 256 28.99 20.90 11.45
CA ASP A 256 28.10 21.10 10.31
C ASP A 256 26.62 21.02 10.69
N ALA A 257 26.30 20.11 11.59
CA ALA A 257 24.92 19.96 12.00
C ALA A 257 24.45 21.23 12.72
N GLN A 258 25.31 21.75 13.59
CA GLN A 258 24.99 22.94 14.35
C GLN A 258 24.73 24.10 13.41
N GLU A 259 25.61 24.28 12.43
CA GLU A 259 25.42 25.35 11.49
C GLU A 259 24.05 25.23 10.84
N GLN A 260 23.73 24.03 10.34
CA GLN A 260 22.45 23.81 9.70
C GLN A 260 21.27 24.02 10.65
N TYR A 261 21.40 23.49 11.87
CA TYR A 261 20.32 23.65 12.84
C TYR A 261 20.10 25.13 13.15
N ASN A 262 21.18 25.88 13.31
CA ASN A 262 21.05 27.31 13.60
C ASN A 262 20.27 27.99 12.49
N LYS A 263 20.59 27.66 11.25
CA LYS A 263 19.92 28.23 10.09
C LYS A 263 18.47 27.78 10.06
N LEU A 264 18.23 26.55 10.49
CA LEU A 264 16.88 26.02 10.48
C LEU A 264 16.08 26.80 11.52
N ARG A 265 16.72 27.15 12.63
CA ARG A 265 16.02 27.91 13.65
C ARG A 265 15.80 29.35 13.22
N MET A 266 16.78 29.92 12.55
CA MET A 266 16.64 31.27 12.05
C MET A 266 15.32 31.27 11.28
N MET A 267 15.22 30.39 10.28
CA MET A 267 14.02 30.28 9.47
C MET A 267 12.74 30.13 10.29
N HIS A 268 12.80 29.28 11.31
CA HIS A 268 11.64 29.04 12.15
C HIS A 268 11.15 30.29 12.86
N SER A 269 12.05 30.93 13.59
CA SER A 269 11.69 32.12 14.32
C SER A 269 11.18 33.20 13.35
N ASN A 270 11.82 33.33 12.19
CA ASN A 270 11.37 34.31 11.21
C ASN A 270 9.96 33.93 10.77
N MET A 271 9.63 32.65 10.85
CA MET A 271 8.30 32.22 10.46
C MET A 271 7.35 32.67 11.54
N GLU A 272 7.76 32.51 12.80
CA GLU A 272 6.91 32.93 13.90
C GLU A 272 6.74 34.45 13.93
N THR A 273 7.74 35.15 13.40
CA THR A 273 7.72 36.60 13.35
C THR A 273 6.80 37.14 12.26
N LEU A 274 6.80 36.51 11.09
CA LEU A 274 5.93 36.95 9.99
C LEU A 274 4.48 36.70 10.37
N TYR A 275 4.25 35.67 11.17
CA TYR A 275 2.92 35.34 11.60
C TYR A 275 2.50 36.37 12.63
N LYS A 276 3.44 36.76 13.48
CA LYS A 276 3.21 37.75 14.52
C LYS A 276 2.83 39.05 13.83
N GLU A 277 3.55 39.38 12.75
CA GLU A 277 3.31 40.58 11.97
C GLU A 277 1.85 40.62 11.48
N LEU A 278 1.30 39.45 11.19
CA LEU A 278 -0.07 39.33 10.72
C LEU A 278 -1.09 39.58 11.82
N GLY A 279 -0.73 39.19 13.04
CA GLY A 279 -1.62 39.41 14.17
C GLY A 279 -1.96 40.89 14.29
N ASP A 280 -1.20 41.73 13.61
CA ASP A 280 -1.41 43.17 13.63
C ASP A 280 -2.07 43.63 12.32
N TYR A 281 -1.39 43.36 11.21
CA TYR A 281 -1.87 43.73 9.89
C TYR A 281 -3.30 43.22 9.63
N PHE A 282 -3.79 42.39 10.55
CA PHE A 282 -5.14 41.83 10.46
C PHE A 282 -5.78 41.74 11.83
N VAL A 283 -5.15 42.38 12.82
CA VAL A 283 -5.64 42.39 14.19
C VAL A 283 -6.24 41.07 14.72
N PHE A 284 -5.43 40.32 15.45
CA PHE A 284 -5.85 39.05 16.05
C PHE A 284 -4.73 38.51 16.94
N ASP A 285 -5.11 37.92 18.06
CA ASP A 285 -4.14 37.37 19.02
C ASP A 285 -3.44 36.12 18.51
N PRO A 286 -2.13 36.24 18.18
CA PRO A 286 -1.31 35.14 17.68
C PRO A 286 -1.19 33.97 18.66
N LYS A 287 -1.32 34.26 19.95
CA LYS A 287 -1.24 33.24 20.98
C LYS A 287 -2.50 32.38 20.99
N LYS A 288 -3.65 33.04 20.89
CA LYS A 288 -4.95 32.38 20.88
C LYS A 288 -5.09 31.42 19.71
N LEU A 289 -5.13 31.99 18.51
CA LEU A 289 -5.27 31.23 17.28
C LEU A 289 -3.94 30.66 16.78
N SER A 290 -3.82 29.33 16.70
CA SER A 290 -2.58 28.73 16.23
C SER A 290 -2.39 28.94 14.73
N VAL A 291 -1.19 28.69 14.23
CA VAL A 291 -0.92 28.88 12.81
C VAL A 291 -1.82 28.00 11.94
N GLU A 292 -2.10 26.77 12.38
CA GLU A 292 -2.97 25.88 11.61
C GLU A 292 -4.36 26.49 11.57
N GLU A 293 -4.85 26.87 12.74
CA GLU A 293 -6.17 27.47 12.87
C GLU A 293 -6.32 28.64 11.90
N PHE A 294 -5.41 29.60 11.97
CA PHE A 294 -5.46 30.78 11.11
C PHE A 294 -5.61 30.42 9.63
N PHE A 295 -4.59 29.80 9.07
CA PHE A 295 -4.63 29.45 7.65
C PHE A 295 -5.68 28.40 7.26
N MET A 296 -6.30 27.76 8.23
CA MET A 296 -7.34 26.79 7.91
C MET A 296 -8.58 27.60 7.55
N ASP A 297 -8.92 28.56 8.41
CA ASP A 297 -10.06 29.44 8.17
C ASP A 297 -9.82 30.20 6.89
N LEU A 298 -8.62 30.75 6.76
CA LEU A 298 -8.26 31.52 5.58
C LEU A 298 -8.32 30.62 4.34
N HIS A 299 -8.21 29.31 4.54
CA HIS A 299 -8.26 28.37 3.42
C HIS A 299 -9.70 28.15 3.01
N ASN A 300 -10.55 27.93 4.01
CA ASN A 300 -11.96 27.70 3.77
C ASN A 300 -12.58 28.94 3.11
N PHE A 301 -12.14 30.12 3.54
CA PHE A 301 -12.63 31.36 2.99
C PHE A 301 -12.36 31.34 1.50
N ARG A 302 -11.10 31.13 1.13
CA ARG A 302 -10.75 31.10 -0.28
C ARG A 302 -11.67 30.11 -0.98
N ASN A 303 -11.90 28.96 -0.33
CA ASN A 303 -12.76 27.95 -0.91
C ASN A 303 -14.18 28.47 -1.13
N MET A 304 -14.85 28.84 -0.04
CA MET A 304 -16.22 29.36 -0.12
C MET A 304 -16.43 30.40 -1.23
N PHE A 305 -15.48 31.31 -1.37
CA PHE A 305 -15.58 32.35 -2.37
C PHE A 305 -15.54 31.76 -3.77
N LEU A 306 -14.43 31.11 -4.11
CA LEU A 306 -14.28 30.49 -5.42
C LEU A 306 -15.49 29.63 -5.73
N GLN A 307 -15.97 28.94 -4.70
CA GLN A 307 -17.13 28.08 -4.81
C GLN A 307 -18.26 28.91 -5.44
N ALA A 308 -18.64 29.98 -4.75
CA ALA A 308 -19.70 30.89 -5.20
C ALA A 308 -19.45 31.38 -6.62
N VAL A 309 -18.24 31.85 -6.87
CA VAL A 309 -17.86 32.37 -8.18
C VAL A 309 -18.02 31.28 -9.22
N LYS A 310 -17.56 30.08 -8.90
CA LYS A 310 -17.65 28.94 -9.81
C LYS A 310 -19.13 28.70 -10.09
N GLU A 311 -19.92 28.63 -9.04
CA GLU A 311 -21.35 28.38 -9.14
C GLU A 311 -22.07 29.48 -9.91
N ASN A 312 -21.71 30.74 -9.67
CA ASN A 312 -22.34 31.85 -10.38
C ASN A 312 -22.04 31.72 -11.86
N GLN A 313 -20.77 31.55 -12.20
CA GLN A 313 -20.38 31.41 -13.60
C GLN A 313 -21.12 30.24 -14.24
N LYS A 314 -21.49 29.26 -13.41
CA LYS A 314 -22.19 28.09 -13.90
C LYS A 314 -23.61 28.43 -14.30
N ARG A 315 -24.42 28.90 -13.35
CA ARG A 315 -25.80 29.25 -13.63
C ARG A 315 -25.92 30.38 -14.64
N ARG A 316 -24.90 31.21 -14.71
CA ARG A 316 -24.89 32.32 -15.65
C ARG A 316 -24.60 31.79 -17.05
N GLU A 317 -23.89 30.67 -17.12
CA GLU A 317 -23.58 30.06 -18.40
C GLU A 317 -24.85 29.36 -18.88
N THR A 318 -25.55 28.76 -17.94
CA THR A 318 -26.80 28.06 -18.22
C THR A 318 -27.84 29.02 -18.79
N GLU A 319 -28.04 30.14 -18.09
CA GLU A 319 -29.00 31.15 -18.51
C GLU A 319 -28.69 31.49 -19.95
N GLU A 320 -27.40 31.64 -20.26
CA GLU A 320 -26.96 31.96 -21.61
C GLU A 320 -27.48 30.92 -22.59
N LYS A 321 -27.30 29.65 -22.25
CA LYS A 321 -27.75 28.58 -23.12
C LYS A 321 -29.27 28.51 -23.24
N MET A 322 -29.98 28.87 -22.16
CA MET A 322 -31.43 28.85 -22.18
C MET A 322 -31.91 29.97 -23.10
N ARG A 323 -31.15 31.06 -23.15
CA ARG A 323 -31.49 32.18 -24.01
C ARG A 323 -31.38 31.75 -25.46
N ARG A 324 -30.24 31.14 -25.79
CA ARG A 324 -30.01 30.66 -27.14
C ARG A 324 -30.95 29.51 -27.44
N ALA A 325 -31.48 28.90 -26.39
CA ALA A 325 -32.43 27.80 -26.54
C ALA A 325 -33.71 28.34 -27.17
N LYS A 326 -34.26 29.40 -26.57
CA LYS A 326 -35.47 30.01 -27.08
C LYS A 326 -35.24 30.61 -28.46
N LEU A 327 -34.16 31.38 -28.58
CA LEU A 327 -33.83 32.02 -29.84
C LEU A 327 -33.91 31.04 -31.00
N ALA A 328 -33.24 29.90 -30.85
CA ALA A 328 -33.23 28.86 -31.88
C ALA A 328 -34.61 28.22 -32.01
N LYS A 329 -35.25 27.96 -30.88
CA LYS A 329 -36.57 27.35 -30.89
C LYS A 329 -37.61 28.33 -31.44
N GLU A 330 -37.19 29.58 -31.61
CA GLU A 330 -38.07 30.61 -32.15
C GLU A 330 -37.80 30.78 -33.63
N LYS A 331 -36.53 30.90 -34.01
CA LYS A 331 -36.20 31.03 -35.42
C LYS A 331 -36.76 29.77 -36.09
N ALA A 332 -36.86 28.69 -35.31
CA ALA A 332 -37.38 27.43 -35.82
C ALA A 332 -38.82 27.60 -36.27
N GLU A 333 -39.72 27.81 -35.32
CA GLU A 333 -41.14 27.99 -35.62
C GLU A 333 -41.33 29.08 -36.67
N LYS A 334 -40.33 29.94 -36.80
CA LYS A 334 -40.38 31.04 -37.76
C LYS A 334 -40.05 30.51 -39.15
N GLU A 335 -38.81 30.06 -39.33
CA GLU A 335 -38.36 29.52 -40.62
C GLU A 335 -39.34 28.48 -41.12
N ARG A 336 -39.91 27.73 -40.19
CA ARG A 336 -40.89 26.69 -40.50
C ARG A 336 -42.07 27.28 -41.28
N LEU A 337 -42.83 28.15 -40.62
CA LEU A 337 -43.99 28.80 -41.24
C LEU A 337 -43.57 29.60 -42.49
N LYS B 7 11.38 41.58 -13.69
CA LYS B 7 12.64 41.15 -14.38
C LYS B 7 12.31 40.63 -15.76
N GLU B 8 13.34 40.28 -16.52
CA GLU B 8 13.17 39.74 -17.86
C GLU B 8 14.29 38.76 -18.20
N LEU B 9 13.93 37.66 -18.87
CA LEU B 9 14.91 36.64 -19.23
C LEU B 9 15.80 36.96 -20.42
N LYS B 10 17.10 36.75 -20.25
CA LYS B 10 18.06 36.99 -21.29
C LYS B 10 18.57 35.72 -21.95
N VAL B 11 18.30 34.56 -21.34
CA VAL B 11 18.78 33.28 -21.90
C VAL B 11 17.82 32.10 -21.79
N LEU B 12 17.44 31.78 -20.56
CA LEU B 12 16.57 30.64 -20.30
C LEU B 12 15.24 30.70 -21.03
N ASP B 13 14.76 29.55 -21.45
CA ASP B 13 13.46 29.48 -22.11
C ASP B 13 12.44 29.89 -21.03
N SER B 14 11.16 29.95 -21.39
CA SER B 14 10.14 30.37 -20.43
C SER B 14 9.83 29.37 -19.32
N LYS B 15 9.52 28.13 -19.68
CA LYS B 15 9.18 27.14 -18.65
C LYS B 15 10.32 26.89 -17.67
N THR B 16 11.53 26.64 -18.19
CA THR B 16 12.68 26.40 -17.31
C THR B 16 12.78 27.50 -16.25
N ALA B 17 12.55 28.74 -16.65
CA ALA B 17 12.62 29.85 -15.71
C ALA B 17 11.55 29.69 -14.62
N GLN B 18 10.34 29.30 -15.04
CA GLN B 18 9.22 29.11 -14.12
C GLN B 18 9.53 28.03 -13.08
N ASN B 19 9.73 26.81 -13.58
CA ASN B 19 10.03 25.66 -12.75
C ASN B 19 11.14 25.97 -11.76
N LEU B 20 12.27 26.43 -12.30
CA LEU B 20 13.44 26.76 -11.52
C LEU B 20 13.14 27.76 -10.39
N SER B 21 12.20 28.65 -10.63
CA SER B 21 11.83 29.65 -9.64
C SER B 21 11.11 28.98 -8.46
N ILE B 22 10.07 28.21 -8.74
CA ILE B 22 9.34 27.51 -7.70
C ILE B 22 10.31 26.68 -6.90
N PHE B 23 11.22 26.02 -7.61
CA PHE B 23 12.22 25.18 -6.97
C PHE B 23 13.13 25.97 -6.05
N LEU B 24 13.77 27.02 -6.56
CA LEU B 24 14.66 27.84 -5.76
C LEU B 24 13.88 28.49 -4.61
N GLY B 25 12.60 28.73 -4.86
CA GLY B 25 11.75 29.35 -3.86
C GLY B 25 11.51 28.48 -2.65
N SER B 26 10.70 27.44 -2.80
CA SER B 26 10.41 26.53 -1.71
C SER B 26 11.70 25.86 -1.21
N PHE B 27 12.83 26.34 -1.70
CA PHE B 27 14.13 25.81 -1.32
C PHE B 27 14.82 26.72 -0.28
N ARG B 28 14.54 28.01 -0.34
CA ARG B 28 15.12 29.00 0.56
C ARG B 28 16.56 28.71 0.95
N MET B 29 17.50 29.35 0.27
CA MET B 29 18.92 29.16 0.54
C MET B 29 19.73 30.00 -0.46
N PRO B 30 20.61 30.89 0.05
CA PRO B 30 21.43 31.74 -0.83
C PRO B 30 22.13 30.92 -1.92
N TYR B 31 21.98 31.36 -3.17
CA TYR B 31 22.57 30.62 -4.29
C TYR B 31 24.03 30.27 -4.08
N GLN B 32 24.75 31.07 -3.32
CA GLN B 32 26.15 30.81 -3.07
C GLN B 32 26.27 29.66 -2.09
N GLU B 33 25.38 29.65 -1.10
CA GLU B 33 25.38 28.61 -0.11
C GLU B 33 25.10 27.27 -0.84
N ILE B 34 24.14 27.29 -1.75
CA ILE B 34 23.82 26.07 -2.52
C ILE B 34 25.06 25.62 -3.27
N LYS B 35 25.74 26.56 -3.91
CA LYS B 35 26.95 26.25 -4.64
C LYS B 35 28.01 25.62 -3.72
N ASN B 36 28.16 26.15 -2.52
CA ASN B 36 29.16 25.60 -1.62
C ASN B 36 28.82 24.19 -1.14
N VAL B 37 27.53 23.95 -0.92
CA VAL B 37 27.06 22.65 -0.48
C VAL B 37 27.44 21.63 -1.55
N ILE B 38 27.25 21.99 -2.82
CA ILE B 38 27.59 21.09 -3.91
C ILE B 38 29.10 20.90 -4.02
N LEU B 39 29.88 21.96 -3.81
CA LEU B 39 31.32 21.86 -3.92
C LEU B 39 31.93 21.10 -2.74
N GLU B 40 31.42 21.36 -1.55
CA GLU B 40 31.93 20.71 -0.36
C GLU B 40 31.38 19.31 -0.18
N VAL B 41 30.35 18.97 -0.95
CA VAL B 41 29.72 17.67 -0.80
C VAL B 41 29.39 17.56 0.68
N ASN B 42 28.76 18.61 1.20
CA ASN B 42 28.38 18.69 2.61
C ASN B 42 27.25 17.71 2.89
N GLU B 43 27.54 16.62 3.57
CA GLU B 43 26.47 15.66 3.80
C GLU B 43 25.56 15.95 4.98
N ALA B 44 25.71 17.13 5.55
CA ALA B 44 24.82 17.53 6.64
C ALA B 44 23.65 18.27 5.98
N VAL B 45 23.78 18.57 4.69
CA VAL B 45 22.73 19.26 3.95
C VAL B 45 22.21 18.40 2.79
N LEU B 46 23.13 17.90 1.97
CA LEU B 46 22.78 17.09 0.82
C LEU B 46 21.98 15.85 1.20
N THR B 47 21.04 15.50 0.34
CA THR B 47 20.20 14.33 0.50
C THR B 47 19.98 13.84 -0.91
N GLU B 48 19.55 12.59 -1.03
CA GLU B 48 19.32 12.00 -2.34
C GLU B 48 18.30 12.82 -3.13
N SER B 49 17.20 13.15 -2.47
CA SER B 49 16.14 13.92 -3.09
C SER B 49 16.62 15.30 -3.55
N MET B 50 17.44 15.94 -2.73
CA MET B 50 17.95 17.26 -3.05
C MET B 50 18.80 17.26 -4.31
N ILE B 51 19.67 16.27 -4.44
CA ILE B 51 20.54 16.17 -5.61
C ILE B 51 19.73 15.82 -6.85
N GLN B 52 18.81 14.88 -6.71
CA GLN B 52 17.98 14.48 -7.84
C GLN B 52 17.27 15.71 -8.39
N ASN B 53 16.71 16.52 -7.51
CA ASN B 53 16.01 17.73 -7.94
C ASN B 53 16.95 18.74 -8.62
N LEU B 54 18.10 19.03 -8.01
CA LEU B 54 19.01 19.97 -8.63
C LEU B 54 19.33 19.51 -10.06
N ILE B 55 19.48 18.21 -10.24
CA ILE B 55 19.78 17.67 -11.56
C ILE B 55 18.59 17.83 -12.50
N LYS B 56 17.39 17.56 -12.00
CA LYS B 56 16.18 17.68 -12.79
C LYS B 56 15.86 19.13 -13.15
N GLN B 57 16.19 20.06 -12.25
CA GLN B 57 15.90 21.48 -12.45
C GLN B 57 17.06 22.27 -13.04
N MET B 58 18.23 21.67 -13.15
CA MET B 58 19.39 22.37 -13.66
C MET B 58 19.25 22.74 -15.13
N PRO B 59 19.44 24.04 -15.45
CA PRO B 59 19.36 24.52 -16.84
C PRO B 59 20.40 23.78 -17.66
N GLU B 60 20.14 23.59 -18.95
CA GLU B 60 21.06 22.88 -19.85
C GLU B 60 22.49 23.41 -19.76
N PRO B 61 23.48 22.54 -20.05
CA PRO B 61 24.90 22.95 -19.99
C PRO B 61 25.17 24.19 -20.86
N GLU B 62 24.61 24.20 -22.05
CA GLU B 62 24.78 25.31 -22.98
C GLU B 62 24.12 26.55 -22.41
N GLN B 63 22.89 26.38 -21.92
CA GLN B 63 22.15 27.49 -21.32
C GLN B 63 22.94 28.12 -20.18
N LEU B 64 23.76 27.33 -19.50
CA LEU B 64 24.55 27.89 -18.41
C LEU B 64 25.76 28.60 -18.98
N LYS B 65 26.21 28.16 -20.14
CA LYS B 65 27.36 28.79 -20.77
C LYS B 65 27.01 30.23 -21.09
N MET B 66 25.86 30.44 -21.74
CA MET B 66 25.41 31.77 -22.09
C MET B 66 25.34 32.70 -20.88
N LEU B 67 24.75 32.23 -19.81
CA LEU B 67 24.62 33.03 -18.60
C LEU B 67 25.97 33.43 -17.99
N SER B 68 27.05 33.02 -18.63
CA SER B 68 28.37 33.35 -18.13
C SER B 68 28.83 34.73 -18.58
N GLU B 69 28.28 35.21 -19.70
CA GLU B 69 28.62 36.53 -20.24
C GLU B 69 27.76 37.62 -19.61
N LEU B 70 27.00 37.24 -18.59
CA LEU B 70 26.11 38.17 -17.91
C LEU B 70 26.37 38.20 -16.41
N LYS B 71 27.59 38.57 -16.03
CA LYS B 71 27.96 38.65 -14.62
C LYS B 71 27.95 40.09 -14.11
N GLU B 72 28.10 41.03 -15.04
CA GLU B 72 28.10 42.46 -14.70
C GLU B 72 26.72 42.90 -14.23
N GLU B 73 25.69 42.35 -14.86
CA GLU B 73 24.30 42.67 -14.53
C GLU B 73 23.65 41.59 -13.67
N TYR B 74 24.44 40.94 -12.83
CA TYR B 74 23.94 39.88 -11.96
C TYR B 74 22.65 40.30 -11.27
N ASP B 75 22.66 41.50 -10.70
CA ASP B 75 21.50 42.04 -9.99
C ASP B 75 20.35 42.40 -10.92
N ASP B 76 20.65 42.54 -12.20
CA ASP B 76 19.64 42.88 -13.19
C ASP B 76 18.87 41.62 -13.57
N LEU B 77 19.59 40.50 -13.65
CA LEU B 77 19.02 39.20 -14.02
C LEU B 77 17.97 38.70 -13.04
N ALA B 78 17.05 37.89 -13.54
CA ALA B 78 16.01 37.33 -12.69
C ALA B 78 16.69 36.27 -11.81
N GLU B 79 16.15 36.06 -10.62
CA GLU B 79 16.75 35.07 -9.70
C GLU B 79 16.99 33.72 -10.36
N SER B 80 16.00 33.20 -11.07
CA SER B 80 16.18 31.92 -11.74
C SER B 80 17.46 31.95 -12.57
N GLU B 81 17.75 33.10 -13.18
CA GLU B 81 18.96 33.23 -13.98
C GLU B 81 20.17 33.59 -13.12
N GLN B 82 19.92 34.14 -11.94
CA GLN B 82 21.04 34.47 -11.05
C GLN B 82 21.61 33.13 -10.63
N PHE B 83 20.71 32.22 -10.29
CA PHE B 83 21.09 30.87 -9.88
C PHE B 83 21.90 30.25 -11.03
N GLY B 84 21.37 30.38 -12.24
CA GLY B 84 22.05 29.85 -13.41
C GLY B 84 23.45 30.42 -13.52
N VAL B 85 23.59 31.69 -13.16
CA VAL B 85 24.89 32.33 -13.22
C VAL B 85 25.86 31.72 -12.22
N VAL B 86 25.36 31.41 -11.02
CA VAL B 86 26.19 30.81 -10.00
C VAL B 86 26.59 29.39 -10.40
N MET B 87 25.59 28.54 -10.64
CA MET B 87 25.84 27.16 -11.04
C MET B 87 26.82 27.10 -12.22
N GLY B 88 26.71 28.11 -13.09
CA GLY B 88 27.58 28.17 -14.25
C GLY B 88 29.04 28.30 -13.89
N THR B 89 29.33 28.55 -12.61
CA THR B 89 30.71 28.70 -12.19
C THR B 89 31.32 27.38 -11.72
N VAL B 90 30.46 26.40 -11.46
CA VAL B 90 30.89 25.09 -10.98
C VAL B 90 31.38 24.18 -12.10
N PRO B 91 32.65 23.77 -12.05
CA PRO B 91 33.25 22.89 -13.06
C PRO B 91 32.60 21.50 -13.05
N ARG B 92 32.51 20.88 -14.22
CA ARG B 92 31.92 19.56 -14.37
C ARG B 92 30.63 19.45 -13.55
N LEU B 93 29.79 20.48 -13.60
CA LEU B 93 28.55 20.51 -12.84
C LEU B 93 27.73 19.22 -12.88
N ARG B 94 27.44 18.69 -14.06
CA ARG B 94 26.63 17.47 -14.12
C ARG B 94 27.32 16.19 -13.69
N PRO B 95 28.54 15.93 -14.18
CA PRO B 95 29.15 14.68 -13.71
C PRO B 95 29.38 14.75 -12.20
N ARG B 96 29.63 15.96 -11.69
CA ARG B 96 29.85 16.16 -10.26
C ARG B 96 28.59 15.79 -9.50
N LEU B 97 27.48 16.32 -9.99
CA LEU B 97 26.20 16.06 -9.38
C LEU B 97 25.88 14.57 -9.43
N ASN B 98 26.15 13.93 -10.56
CA ASN B 98 25.86 12.51 -10.68
C ASN B 98 26.72 11.68 -9.73
N ALA B 99 27.97 12.06 -9.56
CA ALA B 99 28.83 11.32 -8.66
C ALA B 99 28.36 11.47 -7.22
N ILE B 100 27.86 12.66 -6.87
CA ILE B 100 27.39 12.86 -5.50
C ILE B 100 26.15 12.00 -5.25
N LEU B 101 25.23 11.98 -6.22
CA LEU B 101 24.01 11.19 -6.06
C LEU B 101 24.43 9.75 -5.89
N PHE B 102 25.40 9.33 -6.71
CA PHE B 102 25.90 7.97 -6.66
C PHE B 102 26.41 7.64 -5.26
N LYS B 103 27.20 8.54 -4.70
CA LYS B 103 27.77 8.36 -3.38
C LYS B 103 26.71 8.26 -2.31
N LEU B 104 25.66 9.06 -2.43
CA LEU B 104 24.59 9.06 -1.44
C LEU B 104 23.71 7.83 -1.53
N GLN B 105 23.67 7.23 -2.70
CA GLN B 105 22.81 6.08 -2.88
C GLN B 105 23.54 4.76 -2.73
N PHE B 106 24.86 4.77 -2.90
CA PHE B 106 25.63 3.54 -2.86
C PHE B 106 25.35 2.54 -1.75
N SER B 107 25.31 2.97 -0.51
CA SER B 107 25.07 2.05 0.60
C SER B 107 23.74 1.34 0.50
N GLU B 108 22.70 2.07 0.16
CA GLU B 108 21.39 1.47 0.08
C GLU B 108 21.44 0.44 -1.03
N GLN B 109 22.08 0.81 -2.12
CA GLN B 109 22.18 -0.06 -3.28
C GLN B 109 22.83 -1.40 -2.88
N VAL B 110 23.96 -1.35 -2.20
CA VAL B 110 24.62 -2.57 -1.77
C VAL B 110 23.70 -3.35 -0.84
N GLU B 111 23.10 -2.62 0.08
CA GLU B 111 22.20 -3.21 1.05
C GLU B 111 21.02 -3.93 0.38
N ASN B 112 20.64 -3.51 -0.81
CA ASN B 112 19.52 -4.14 -1.50
C ASN B 112 19.93 -5.30 -2.41
N ILE B 113 21.21 -5.42 -2.71
CA ILE B 113 21.66 -6.53 -3.55
C ILE B 113 22.12 -7.68 -2.67
N LYS B 114 22.94 -7.35 -1.67
CA LYS B 114 23.50 -8.31 -0.73
C LYS B 114 22.57 -9.43 -0.26
N PRO B 115 21.38 -9.10 0.25
CA PRO B 115 20.41 -10.08 0.74
C PRO B 115 19.97 -11.12 -0.29
N GLU B 116 19.91 -10.74 -1.56
CA GLU B 116 19.51 -11.70 -2.59
C GLU B 116 20.58 -12.77 -2.57
N ILE B 117 21.82 -12.33 -2.68
CA ILE B 117 22.95 -13.25 -2.67
C ILE B 117 22.99 -14.07 -1.40
N VAL B 118 22.78 -13.40 -0.27
CA VAL B 118 22.80 -14.10 0.99
C VAL B 118 21.65 -15.11 1.09
N SER B 119 20.50 -14.81 0.49
CA SER B 119 19.40 -15.73 0.57
C SER B 119 19.67 -17.01 -0.21
N VAL B 120 20.14 -16.87 -1.44
CA VAL B 120 20.44 -18.03 -2.25
C VAL B 120 21.56 -18.85 -1.63
N THR B 121 22.65 -18.17 -1.27
CA THR B 121 23.80 -18.83 -0.67
C THR B 121 23.42 -19.61 0.60
N ALA B 122 22.71 -18.95 1.51
CA ALA B 122 22.33 -19.63 2.73
C ALA B 122 21.41 -20.82 2.41
N ALA B 123 20.56 -20.68 1.41
CA ALA B 123 19.64 -21.75 1.03
C ALA B 123 20.45 -22.97 0.61
N CYS B 124 21.47 -22.75 -0.20
CA CYS B 124 22.34 -23.83 -0.66
C CYS B 124 23.01 -24.52 0.53
N GLU B 125 23.60 -23.72 1.41
CA GLU B 125 24.27 -24.29 2.56
C GLU B 125 23.26 -25.03 3.43
N GLU B 126 22.11 -24.41 3.68
CA GLU B 126 21.10 -25.07 4.48
C GLU B 126 20.72 -26.40 3.84
N LEU B 127 20.56 -26.44 2.52
CA LEU B 127 20.20 -27.68 1.85
C LEU B 127 21.28 -28.75 2.09
N ARG B 128 22.54 -28.38 1.95
CA ARG B 128 23.62 -29.33 2.19
C ARG B 128 23.60 -29.87 3.60
N LYS B 129 23.48 -28.99 4.59
CA LYS B 129 23.53 -29.37 5.99
C LYS B 129 22.25 -29.87 6.64
N SER B 130 21.16 -29.96 5.91
CA SER B 130 19.94 -30.44 6.54
C SER B 130 19.94 -31.94 6.72
N GLU B 131 20.18 -32.38 7.96
CA GLU B 131 20.23 -33.81 8.25
C GLU B 131 18.86 -34.43 7.99
N ASN B 132 17.80 -33.73 8.38
CA ASN B 132 16.47 -34.26 8.17
C ASN B 132 15.98 -34.21 6.73
N PHE B 133 16.40 -33.22 5.95
CA PHE B 133 15.96 -33.23 4.58
C PHE B 133 16.68 -34.37 3.88
N SER B 134 17.96 -34.55 4.18
CA SER B 134 18.74 -35.64 3.59
C SER B 134 18.10 -37.00 3.87
N SER B 135 17.58 -37.15 5.09
CA SER B 135 16.92 -38.38 5.49
C SER B 135 15.66 -38.54 4.65
N LEU B 136 14.97 -37.40 4.45
CA LEU B 136 13.75 -37.36 3.67
C LEU B 136 14.00 -37.81 2.23
N LEU B 137 15.17 -37.46 1.67
CA LEU B 137 15.47 -37.84 0.30
C LEU B 137 15.62 -39.34 0.21
N GLU B 138 16.26 -39.90 1.24
CA GLU B 138 16.50 -41.33 1.32
C GLU B 138 15.17 -42.04 1.42
N LEU B 139 14.30 -41.56 2.31
CA LEU B 139 12.99 -42.18 2.43
C LEU B 139 12.24 -42.09 1.09
N THR B 140 12.46 -41.02 0.37
CA THR B 140 11.85 -40.82 -0.93
C THR B 140 12.32 -41.91 -1.88
N LEU B 141 13.62 -42.21 -1.86
CA LEU B 141 14.17 -43.24 -2.74
C LEU B 141 13.58 -44.59 -2.35
N LEU B 142 13.47 -44.79 -1.05
CA LEU B 142 12.92 -46.01 -0.50
C LEU B 142 11.47 -46.17 -0.94
N VAL B 143 10.73 -45.07 -0.86
CA VAL B 143 9.32 -45.04 -1.22
C VAL B 143 9.07 -45.30 -2.70
N GLY B 144 9.80 -44.64 -3.57
CA GLY B 144 9.57 -44.83 -5.00
C GLY B 144 10.28 -45.99 -5.64
N ASN B 145 11.37 -46.45 -5.03
CA ASN B 145 12.11 -47.55 -5.62
C ASN B 145 11.84 -48.91 -5.01
N TYR B 146 11.28 -48.94 -3.81
CA TYR B 146 11.04 -50.24 -3.16
C TYR B 146 9.65 -50.51 -2.60
N MET B 147 8.96 -49.49 -2.11
CA MET B 147 7.66 -49.67 -1.49
C MET B 147 6.43 -49.43 -2.36
N ASN B 148 6.63 -49.18 -3.65
CA ASN B 148 5.50 -48.96 -4.54
C ASN B 148 5.80 -49.48 -5.95
N ALA B 149 6.07 -50.77 -6.04
CA ALA B 149 6.38 -51.40 -7.31
C ALA B 149 5.32 -51.07 -8.37
N GLY B 150 4.07 -51.03 -7.97
CA GLY B 150 3.02 -50.71 -8.94
C GLY B 150 3.22 -49.36 -9.60
N SER B 151 3.40 -48.33 -8.76
CA SER B 151 3.58 -46.92 -9.15
C SER B 151 4.32 -46.58 -10.43
N ARG B 152 4.09 -45.34 -10.87
CA ARG B 152 4.66 -44.76 -12.09
C ARG B 152 6.10 -45.11 -12.46
N ASN B 153 7.04 -44.32 -11.95
CA ASN B 153 8.46 -44.52 -12.26
C ASN B 153 9.20 -45.37 -11.22
N ALA B 154 8.50 -46.34 -10.64
CA ALA B 154 9.10 -47.22 -9.64
C ALA B 154 10.47 -47.70 -10.09
N GLY B 155 11.45 -47.51 -9.22
CA GLY B 155 12.79 -47.93 -9.53
C GLY B 155 13.63 -46.87 -10.21
N ALA B 156 13.05 -45.73 -10.56
CA ALA B 156 13.84 -44.71 -11.22
C ALA B 156 13.85 -43.37 -10.48
N PHE B 157 13.43 -43.40 -9.22
CA PHE B 157 13.44 -42.18 -8.42
C PHE B 157 14.87 -41.79 -8.10
N GLY B 158 15.11 -40.49 -7.97
CA GLY B 158 16.42 -39.99 -7.63
C GLY B 158 16.23 -38.78 -6.75
N PHE B 159 17.12 -37.82 -6.86
CA PHE B 159 17.05 -36.60 -6.08
C PHE B 159 16.46 -35.38 -6.81
N ASN B 160 15.83 -35.57 -7.96
CA ASN B 160 15.28 -34.42 -8.65
C ASN B 160 14.19 -33.78 -7.80
N ILE B 161 14.39 -32.51 -7.47
CA ILE B 161 13.45 -31.79 -6.62
C ILE B 161 12.08 -31.56 -7.25
N SER B 162 12.05 -31.07 -8.48
CA SER B 162 10.76 -30.86 -9.15
C SER B 162 9.97 -32.17 -9.26
N PHE B 163 10.67 -33.30 -9.35
CA PHE B 163 10.00 -34.59 -9.42
C PHE B 163 9.29 -34.76 -8.08
N LEU B 164 9.97 -34.43 -6.97
CA LEU B 164 9.35 -34.55 -5.66
C LEU B 164 8.05 -33.75 -5.64
N CYS B 165 8.00 -32.67 -6.41
CA CYS B 165 6.80 -31.86 -6.46
C CYS B 165 5.65 -32.59 -7.13
N LYS B 166 5.93 -33.74 -7.74
CA LYS B 166 4.89 -34.51 -8.41
C LYS B 166 4.41 -35.75 -7.65
N LEU B 167 5.08 -36.08 -6.54
CA LEU B 167 4.67 -37.23 -5.76
C LEU B 167 3.20 -37.09 -5.44
N ARG B 168 2.75 -35.85 -5.40
CA ARG B 168 1.37 -35.52 -5.11
C ARG B 168 0.40 -36.00 -6.17
N ASP B 169 0.89 -36.09 -7.40
CA ASP B 169 0.08 -36.50 -8.53
C ASP B 169 0.17 -37.98 -8.88
N THR B 170 0.70 -38.78 -7.96
CA THR B 170 0.84 -40.20 -8.22
C THR B 170 0.27 -41.00 -7.08
N LYS B 171 -0.42 -42.09 -7.40
CA LYS B 171 -0.99 -42.93 -6.37
C LYS B 171 0.05 -43.92 -5.86
N SER B 172 -0.06 -44.29 -4.60
CA SER B 172 0.88 -45.23 -4.00
C SER B 172 0.37 -46.64 -4.28
N ALA B 173 0.97 -47.63 -3.61
CA ALA B 173 0.60 -49.04 -3.76
C ALA B 173 -0.91 -49.15 -3.69
N ASP B 174 -1.44 -49.10 -2.46
CA ASP B 174 -2.87 -49.11 -2.27
C ASP B 174 -3.25 -47.74 -2.82
N GLN B 175 -4.33 -47.66 -3.59
CA GLN B 175 -4.71 -46.38 -4.16
C GLN B 175 -5.48 -45.43 -3.25
N LYS B 176 -5.33 -45.61 -1.94
CA LYS B 176 -6.02 -44.74 -0.99
C LYS B 176 -5.07 -43.63 -0.53
N MET B 177 -4.02 -43.39 -1.30
CA MET B 177 -3.03 -42.38 -0.93
C MET B 177 -2.13 -42.04 -2.10
N THR B 178 -1.67 -40.79 -2.15
CA THR B 178 -0.76 -40.38 -3.21
C THR B 178 0.63 -40.72 -2.63
N LEU B 179 1.66 -40.77 -3.47
CA LEU B 179 2.98 -41.07 -2.94
C LEU B 179 3.32 -40.03 -1.88
N LEU B 180 3.05 -38.75 -2.15
CA LEU B 180 3.33 -37.71 -1.18
C LEU B 180 2.81 -38.09 0.19
N HIS B 181 1.54 -38.44 0.27
CA HIS B 181 0.95 -38.82 1.56
C HIS B 181 1.60 -40.08 2.12
N PHE B 182 1.93 -41.01 1.23
CA PHE B 182 2.57 -42.24 1.64
C PHE B 182 3.88 -41.87 2.32
N LEU B 183 4.67 -41.03 1.64
CA LEU B 183 5.93 -40.59 2.18
C LEU B 183 5.74 -39.90 3.53
N ALA B 184 4.78 -38.98 3.58
CA ALA B 184 4.52 -38.23 4.80
C ALA B 184 4.14 -39.17 5.95
N GLU B 185 3.31 -40.16 5.68
CA GLU B 185 2.92 -41.07 6.75
C GLU B 185 4.11 -41.92 7.22
N LEU B 186 4.94 -42.33 6.27
CA LEU B 186 6.12 -43.13 6.57
C LEU B 186 6.98 -42.32 7.55
N CYS B 187 7.18 -41.04 7.24
CA CYS B 187 7.97 -40.17 8.11
C CYS B 187 7.32 -40.04 9.48
N GLU B 188 6.04 -39.63 9.49
CA GLU B 188 5.33 -39.45 10.74
C GLU B 188 5.36 -40.71 11.61
N ASN B 189 5.14 -41.88 11.00
CA ASN B 189 5.15 -43.13 11.77
C ASN B 189 6.51 -43.63 12.22
N ASP B 190 7.46 -43.76 11.28
CA ASP B 190 8.77 -44.30 11.63
C ASP B 190 9.96 -43.35 11.69
N HIS B 191 9.82 -42.13 11.17
CA HIS B 191 10.93 -41.19 11.18
C HIS B 191 10.47 -39.78 11.52
N PRO B 192 9.92 -39.61 12.73
CA PRO B 192 9.40 -38.33 13.23
C PRO B 192 10.37 -37.16 13.06
N GLU B 193 11.63 -37.38 13.41
CA GLU B 193 12.62 -36.31 13.29
C GLU B 193 12.58 -35.65 11.92
N VAL B 194 12.39 -36.46 10.88
CA VAL B 194 12.38 -35.95 9.53
C VAL B 194 11.37 -34.82 9.35
N LEU B 195 10.31 -34.86 10.13
CA LEU B 195 9.26 -33.86 10.07
C LEU B 195 9.78 -32.47 10.43
N LYS B 196 10.95 -32.41 11.05
CA LYS B 196 11.50 -31.12 11.43
C LYS B 196 12.40 -30.53 10.35
N PHE B 197 12.40 -31.12 9.16
CA PHE B 197 13.26 -30.62 8.12
C PHE B 197 12.92 -29.20 7.68
N PRO B 198 11.63 -28.82 7.72
CA PRO B 198 11.33 -27.46 7.29
C PRO B 198 12.10 -26.36 8.05
N ASP B 199 12.34 -26.58 9.34
CA ASP B 199 13.06 -25.60 10.16
C ASP B 199 14.53 -25.51 9.80
N GLU B 200 15.02 -26.50 9.08
CA GLU B 200 16.42 -26.53 8.69
C GLU B 200 16.66 -25.84 7.34
N LEU B 201 15.60 -25.31 6.73
CA LEU B 201 15.72 -24.65 5.43
C LEU B 201 15.22 -23.19 5.45
N ALA B 202 15.57 -22.47 6.52
CA ALA B 202 15.13 -21.09 6.74
C ALA B 202 15.19 -20.09 5.59
N HIS B 203 16.17 -20.19 4.70
CA HIS B 203 16.27 -19.24 3.61
C HIS B 203 15.68 -19.72 2.30
N VAL B 204 15.10 -20.92 2.29
CA VAL B 204 14.57 -21.45 1.05
C VAL B 204 13.46 -20.57 0.46
N GLU B 205 12.49 -20.17 1.26
CA GLU B 205 11.43 -19.33 0.71
C GLU B 205 11.99 -18.04 0.12
N LYS B 206 12.95 -17.41 0.80
CA LYS B 206 13.50 -16.16 0.27
C LYS B 206 14.23 -16.39 -1.03
N ALA B 207 14.91 -17.53 -1.13
CA ALA B 207 15.66 -17.89 -2.32
C ALA B 207 14.73 -18.07 -3.52
N SER B 208 13.52 -18.55 -3.23
CA SER B 208 12.53 -18.78 -4.28
C SER B 208 11.99 -17.48 -4.87
N ARG B 209 12.14 -16.38 -4.15
CA ARG B 209 11.63 -15.09 -4.60
C ARG B 209 12.69 -14.21 -5.28
N VAL B 210 13.90 -14.72 -5.39
CA VAL B 210 14.99 -13.97 -6.01
C VAL B 210 14.90 -14.01 -7.55
N SER B 211 15.65 -13.13 -8.20
CA SER B 211 15.70 -13.12 -9.64
C SER B 211 17.18 -13.09 -10.01
N ALA B 212 17.69 -14.22 -10.47
CA ALA B 212 19.10 -14.32 -10.83
C ALA B 212 19.45 -13.32 -11.91
N GLU B 213 18.53 -13.11 -12.85
CA GLU B 213 18.79 -12.18 -13.94
C GLU B 213 18.92 -10.74 -13.47
N ASN B 214 18.01 -10.28 -12.62
CA ASN B 214 18.06 -8.92 -12.11
C ASN B 214 19.26 -8.73 -11.22
N LEU B 215 19.59 -9.78 -10.47
CA LEU B 215 20.73 -9.74 -9.56
C LEU B 215 21.94 -9.45 -10.41
N GLN B 216 22.11 -10.22 -11.47
CA GLN B 216 23.24 -10.05 -12.35
C GLN B 216 23.23 -8.65 -12.94
N LYS B 217 22.06 -8.16 -13.34
CA LYS B 217 21.97 -6.83 -13.92
C LYS B 217 22.38 -5.77 -12.91
N SER B 218 21.86 -5.88 -11.70
CA SER B 218 22.19 -4.95 -10.63
C SER B 218 23.69 -4.81 -10.46
N LEU B 219 24.39 -5.95 -10.41
CA LEU B 219 25.83 -5.92 -10.24
C LEU B 219 26.54 -5.23 -11.41
N ASP B 220 26.17 -5.60 -12.63
CA ASP B 220 26.79 -4.99 -13.81
C ASP B 220 26.54 -3.48 -13.84
N GLN B 221 25.35 -3.08 -13.41
CA GLN B 221 24.99 -1.68 -13.37
C GLN B 221 25.91 -0.97 -12.38
N MET B 222 26.04 -1.56 -11.20
CA MET B 222 26.89 -1.00 -10.15
C MET B 222 28.30 -0.89 -10.68
N LYS B 223 28.73 -1.91 -11.43
CA LYS B 223 30.07 -1.93 -11.98
C LYS B 223 30.26 -0.76 -12.93
N LYS B 224 29.27 -0.48 -13.77
CA LYS B 224 29.40 0.62 -14.70
C LYS B 224 29.31 1.94 -13.94
N GLN B 225 28.35 2.04 -13.03
CA GLN B 225 28.22 3.26 -12.25
C GLN B 225 29.53 3.65 -11.59
N ILE B 226 30.21 2.69 -11.00
CA ILE B 226 31.48 2.96 -10.34
C ILE B 226 32.56 3.34 -11.36
N ALA B 227 32.62 2.61 -12.47
CA ALA B 227 33.62 2.89 -13.49
C ALA B 227 33.47 4.31 -14.00
N ASP B 228 32.22 4.72 -14.24
CA ASP B 228 31.93 6.06 -14.72
C ASP B 228 32.43 7.12 -13.74
N VAL B 229 32.09 6.97 -12.46
CA VAL B 229 32.52 7.95 -11.49
C VAL B 229 34.04 8.01 -11.44
N GLU B 230 34.69 6.85 -11.44
CA GLU B 230 36.15 6.85 -11.41
C GLU B 230 36.65 7.66 -12.61
N ARG B 231 36.08 7.38 -13.78
CA ARG B 231 36.44 8.09 -14.99
C ARG B 231 36.32 9.59 -14.75
N ASP B 232 35.15 10.04 -14.32
CA ASP B 232 34.93 11.45 -14.05
C ASP B 232 35.92 12.02 -13.07
N VAL B 233 36.37 11.22 -12.10
CA VAL B 233 37.32 11.69 -11.12
C VAL B 233 38.72 11.78 -11.73
N GLN B 234 39.06 10.80 -12.56
CA GLN B 234 40.36 10.79 -13.21
C GLN B 234 40.52 12.00 -14.13
N ASN B 235 39.42 12.43 -14.73
CA ASN B 235 39.48 13.56 -15.63
C ASN B 235 39.07 14.87 -15.00
N PHE B 236 38.81 14.85 -13.70
CA PHE B 236 38.39 16.07 -13.02
C PHE B 236 39.45 17.16 -13.04
N PRO B 237 39.03 18.41 -13.25
CA PRO B 237 39.89 19.59 -13.30
C PRO B 237 40.48 19.91 -11.94
N ALA B 238 41.71 20.38 -11.92
CA ALA B 238 42.37 20.75 -10.67
C ALA B 238 41.49 21.78 -9.98
N ALA B 239 41.30 21.63 -8.68
CA ALA B 239 40.47 22.54 -7.92
C ALA B 239 41.08 23.94 -7.84
N THR B 240 40.27 24.95 -8.15
CA THR B 240 40.72 26.32 -8.09
C THR B 240 40.26 26.89 -6.74
N ASP B 241 38.98 26.65 -6.46
CA ASP B 241 38.32 27.08 -5.24
C ASP B 241 38.64 26.09 -4.11
N GLU B 242 39.05 26.60 -2.94
CA GLU B 242 39.40 25.73 -1.81
C GLU B 242 38.23 24.87 -1.31
N LYS B 243 37.01 25.38 -1.48
CA LYS B 243 35.82 24.66 -1.04
C LYS B 243 35.45 23.46 -1.91
N ASP B 244 36.17 23.27 -3.01
CA ASP B 244 35.89 22.14 -3.91
C ASP B 244 36.55 20.88 -3.34
N LYS B 245 35.76 20.07 -2.66
CA LYS B 245 36.28 18.85 -2.05
C LYS B 245 36.06 17.60 -2.89
N PHE B 246 35.45 17.76 -4.07
CA PHE B 246 35.14 16.63 -4.93
C PHE B 246 36.23 15.58 -5.15
N VAL B 247 37.35 15.99 -5.72
CA VAL B 247 38.43 15.06 -5.99
C VAL B 247 38.91 14.40 -4.70
N GLU B 248 38.98 15.18 -3.63
CA GLU B 248 39.42 14.66 -2.34
C GLU B 248 38.45 13.56 -1.85
N LYS B 249 37.18 13.94 -1.64
CA LYS B 249 36.15 13.02 -1.17
C LYS B 249 35.86 11.84 -2.09
N MET B 250 35.64 12.14 -3.36
CA MET B 250 35.28 11.15 -4.36
C MET B 250 36.35 10.12 -4.70
N THR B 251 37.63 10.51 -4.62
CA THR B 251 38.71 9.57 -4.93
C THR B 251 38.73 8.48 -3.88
N SER B 252 38.54 8.90 -2.66
CA SER B 252 38.52 8.04 -1.51
C SER B 252 37.29 7.14 -1.59
N PHE B 253 36.13 7.75 -1.81
CA PHE B 253 34.88 7.00 -1.91
C PHE B 253 34.93 5.92 -2.98
N VAL B 254 35.38 6.28 -4.17
CA VAL B 254 35.48 5.33 -5.27
C VAL B 254 36.25 4.08 -4.85
N LYS B 255 37.33 4.26 -4.12
CA LYS B 255 38.10 3.11 -3.69
C LYS B 255 37.20 2.27 -2.76
N ASP B 256 36.55 2.93 -1.80
CA ASP B 256 35.68 2.24 -0.88
C ASP B 256 34.54 1.53 -1.57
N ALA B 257 33.93 2.19 -2.54
CA ALA B 257 32.82 1.57 -3.23
C ALA B 257 33.35 0.40 -4.05
N GLN B 258 34.51 0.57 -4.69
CA GLN B 258 35.10 -0.53 -5.47
C GLN B 258 35.33 -1.71 -4.54
N GLU B 259 35.75 -1.44 -3.30
CA GLU B 259 36.00 -2.51 -2.35
C GLU B 259 34.70 -3.30 -2.12
N GLN B 260 33.62 -2.58 -1.87
CA GLN B 260 32.34 -3.24 -1.62
C GLN B 260 31.83 -4.01 -2.81
N TYR B 261 31.97 -3.43 -3.98
CA TYR B 261 31.49 -4.11 -5.16
C TYR B 261 32.26 -5.41 -5.38
N ASN B 262 33.58 -5.37 -5.19
CA ASN B 262 34.36 -6.58 -5.39
C ASN B 262 33.84 -7.64 -4.42
N LYS B 263 33.60 -7.25 -3.17
CA LYS B 263 33.08 -8.20 -2.22
C LYS B 263 31.77 -8.79 -2.73
N LEU B 264 30.90 -7.93 -3.27
CA LEU B 264 29.61 -8.35 -3.78
C LEU B 264 29.82 -9.35 -4.93
N ARG B 265 30.67 -8.97 -5.87
CA ARG B 265 30.99 -9.82 -7.01
C ARG B 265 31.49 -11.19 -6.55
N MET B 266 32.37 -11.21 -5.57
CA MET B 266 32.89 -12.47 -5.08
C MET B 266 31.81 -13.27 -4.38
N MET B 267 30.98 -12.61 -3.59
CA MET B 267 29.89 -13.30 -2.90
C MET B 267 28.97 -13.94 -3.92
N HIS B 268 28.66 -13.18 -4.96
CA HIS B 268 27.80 -13.65 -6.03
C HIS B 268 28.44 -14.83 -6.74
N SER B 269 29.74 -14.73 -6.95
CA SER B 269 30.49 -15.79 -7.60
C SER B 269 30.49 -17.07 -6.75
N ASN B 270 30.57 -16.91 -5.43
CA ASN B 270 30.54 -18.06 -4.56
C ASN B 270 29.13 -18.65 -4.67
N MET B 271 28.13 -17.77 -4.72
CA MET B 271 26.75 -18.20 -4.83
C MET B 271 26.58 -19.10 -6.05
N GLU B 272 27.09 -18.63 -7.19
CA GLU B 272 27.00 -19.40 -8.42
C GLU B 272 27.73 -20.72 -8.33
N THR B 273 28.81 -20.75 -7.56
CA THR B 273 29.58 -21.97 -7.41
C THR B 273 28.77 -23.01 -6.64
N LEU B 274 28.15 -22.60 -5.53
CA LEU B 274 27.35 -23.53 -4.74
C LEU B 274 26.20 -24.07 -5.58
N TYR B 275 25.64 -23.19 -6.40
CA TYR B 275 24.52 -23.56 -7.24
C TYR B 275 24.96 -24.63 -8.24
N LYS B 276 26.12 -24.47 -8.87
CA LYS B 276 26.63 -25.47 -9.80
C LYS B 276 26.77 -26.80 -9.06
N GLU B 277 27.23 -26.75 -7.82
CA GLU B 277 27.37 -27.97 -7.07
C GLU B 277 26.00 -28.61 -6.90
N LEU B 278 24.96 -27.81 -6.61
CA LEU B 278 23.62 -28.37 -6.44
C LEU B 278 23.15 -29.01 -7.75
N GLY B 279 23.54 -28.41 -8.87
CA GLY B 279 23.15 -28.92 -10.16
C GLY B 279 23.65 -30.33 -10.38
N ASP B 280 24.84 -30.64 -9.90
CA ASP B 280 25.39 -31.97 -10.07
C ASP B 280 24.85 -32.96 -9.03
N TYR B 281 24.45 -32.44 -7.88
CA TYR B 281 23.92 -33.27 -6.83
C TYR B 281 22.44 -33.60 -7.07
N PHE B 282 21.69 -32.63 -7.56
CA PHE B 282 20.28 -32.83 -7.83
C PHE B 282 20.08 -32.95 -9.32
N VAL B 283 21.19 -33.14 -10.02
CA VAL B 283 21.20 -33.25 -11.46
C VAL B 283 20.19 -32.36 -12.17
N PHE B 284 20.64 -31.15 -12.49
CA PHE B 284 19.88 -30.16 -13.23
C PHE B 284 20.94 -29.26 -13.84
N ASP B 285 20.58 -28.52 -14.89
CA ASP B 285 21.54 -27.62 -15.53
C ASP B 285 21.41 -26.22 -14.95
N PRO B 286 22.45 -25.74 -14.27
CA PRO B 286 22.44 -24.40 -13.67
C PRO B 286 22.13 -23.30 -14.69
N LYS B 287 22.57 -23.49 -15.92
CA LYS B 287 22.32 -22.51 -16.97
C LYS B 287 20.92 -22.62 -17.57
N LYS B 288 20.13 -23.57 -17.10
CA LYS B 288 18.79 -23.74 -17.64
C LYS B 288 17.70 -23.72 -16.57
N LEU B 289 18.12 -23.91 -15.33
CA LEU B 289 17.18 -23.86 -14.23
C LEU B 289 17.70 -22.71 -13.37
N SER B 290 16.96 -21.61 -13.39
CA SER B 290 17.36 -20.44 -12.64
C SER B 290 17.28 -20.76 -11.18
N VAL B 291 18.07 -20.03 -10.41
CA VAL B 291 18.09 -20.18 -8.98
C VAL B 291 16.67 -20.13 -8.37
N GLU B 292 15.89 -19.11 -8.74
CA GLU B 292 14.55 -19.01 -8.16
C GLU B 292 13.65 -20.19 -8.55
N GLU B 293 13.83 -20.71 -9.76
CA GLU B 293 13.02 -21.85 -10.18
C GLU B 293 13.33 -23.04 -9.27
N PHE B 294 14.61 -23.31 -9.04
CA PHE B 294 14.99 -24.43 -8.20
C PHE B 294 14.49 -24.31 -6.79
N PHE B 295 14.70 -23.15 -6.18
CA PHE B 295 14.24 -23.02 -4.81
C PHE B 295 12.74 -22.88 -4.69
N MET B 296 12.06 -22.49 -5.76
CA MET B 296 10.60 -22.41 -5.71
C MET B 296 10.09 -23.86 -5.66
N ASP B 297 10.73 -24.76 -6.42
CA ASP B 297 10.33 -26.16 -6.39
C ASP B 297 10.57 -26.72 -4.98
N LEU B 298 11.73 -26.45 -4.42
CA LEU B 298 12.05 -26.96 -3.09
C LEU B 298 11.08 -26.37 -2.08
N HIS B 299 10.75 -25.09 -2.24
CA HIS B 299 9.82 -24.41 -1.36
C HIS B 299 8.42 -25.03 -1.48
N ASN B 300 7.91 -25.15 -2.70
CA ASN B 300 6.60 -25.74 -2.91
C ASN B 300 6.50 -27.17 -2.39
N PHE B 301 7.59 -27.92 -2.52
CA PHE B 301 7.57 -29.27 -2.01
C PHE B 301 7.43 -29.21 -0.49
N ARG B 302 8.23 -28.35 0.14
CA ARG B 302 8.16 -28.24 1.58
C ARG B 302 6.74 -27.91 2.01
N ASN B 303 6.09 -27.01 1.26
CA ASN B 303 4.72 -26.64 1.59
C ASN B 303 3.74 -27.79 1.48
N MET B 304 3.73 -28.47 0.34
CA MET B 304 2.81 -29.59 0.15
C MET B 304 3.08 -30.78 1.06
N PHE B 305 4.33 -30.98 1.44
CA PHE B 305 4.65 -32.08 2.32
C PHE B 305 3.98 -31.81 3.66
N LEU B 306 4.02 -30.56 4.09
CA LEU B 306 3.41 -30.16 5.36
C LEU B 306 1.89 -30.25 5.26
N GLN B 307 1.35 -29.96 4.07
CA GLN B 307 -0.10 -30.03 3.87
C GLN B 307 -0.46 -31.52 3.92
N ALA B 308 0.37 -32.36 3.30
CA ALA B 308 0.16 -33.80 3.26
C ALA B 308 0.08 -34.37 4.67
N VAL B 309 0.94 -33.90 5.55
CA VAL B 309 0.94 -34.38 6.92
C VAL B 309 -0.37 -34.05 7.61
N LYS B 310 -0.84 -32.82 7.48
CA LYS B 310 -2.11 -32.42 8.11
C LYS B 310 -3.27 -33.23 7.54
N GLU B 311 -3.25 -33.45 6.24
CA GLU B 311 -4.31 -34.21 5.59
C GLU B 311 -4.29 -35.67 6.07
N ASN B 312 -3.13 -36.18 6.47
CA ASN B 312 -3.05 -37.54 6.97
C ASN B 312 -3.65 -37.58 8.37
N GLN B 313 -3.25 -36.64 9.21
CA GLN B 313 -3.75 -36.57 10.58
C GLN B 313 -5.26 -36.45 10.54
N LYS B 314 -5.75 -35.64 9.61
CA LYS B 314 -7.18 -35.47 9.47
C LYS B 314 -7.80 -36.81 9.09
N ARG B 315 -7.32 -37.41 8.01
CA ARG B 315 -7.82 -38.68 7.53
C ARG B 315 -7.74 -39.78 8.61
N ARG B 316 -6.73 -39.70 9.45
CA ARG B 316 -6.54 -40.68 10.50
C ARG B 316 -7.58 -40.45 11.59
N GLU B 317 -7.79 -39.18 11.92
CA GLU B 317 -8.76 -38.81 12.95
C GLU B 317 -10.18 -39.20 12.57
N THR B 318 -10.59 -38.88 11.34
CA THR B 318 -11.94 -39.23 10.93
C THR B 318 -12.09 -40.74 10.79
N GLU B 319 -11.02 -41.42 10.38
CA GLU B 319 -11.05 -42.87 10.23
C GLU B 319 -11.31 -43.54 11.58
N GLU B 320 -11.02 -42.83 12.66
CA GLU B 320 -11.25 -43.35 14.00
C GLU B 320 -12.69 -43.09 14.43
N LYS B 321 -13.31 -42.08 13.83
CA LYS B 321 -14.71 -41.78 14.14
C LYS B 321 -15.55 -42.85 13.49
N MET B 322 -15.00 -43.50 12.47
CA MET B 322 -15.70 -44.57 11.77
C MET B 322 -15.65 -45.77 12.70
N ARG B 323 -14.53 -45.89 13.42
CA ARG B 323 -14.31 -46.97 14.37
C ARG B 323 -15.27 -46.80 15.56
N ARG B 324 -15.30 -45.59 16.09
CA ARG B 324 -16.17 -45.29 17.23
C ARG B 324 -17.62 -45.12 16.79
N ALA B 325 -17.88 -45.40 15.51
CA ALA B 325 -19.23 -45.31 14.98
C ALA B 325 -19.96 -46.56 15.45
N LYS B 326 -19.19 -47.49 16.00
CA LYS B 326 -19.73 -48.74 16.51
C LYS B 326 -20.37 -48.53 17.88
N LEU B 327 -21.16 -47.46 17.99
CA LEU B 327 -21.85 -47.14 19.23
C LEU B 327 -23.35 -47.35 19.04
N VAL C 6 -15.45 -29.20 27.25
CA VAL C 6 -16.50 -30.25 27.20
C VAL C 6 -17.05 -30.40 25.79
N LYS C 7 -17.91 -31.41 25.60
CA LYS C 7 -18.54 -31.70 24.32
C LYS C 7 -17.64 -32.35 23.28
N GLU C 8 -17.67 -33.68 23.29
CA GLU C 8 -16.90 -34.53 22.39
C GLU C 8 -17.34 -34.36 20.93
N LEU C 9 -16.40 -34.55 20.00
CA LEU C 9 -16.68 -34.46 18.57
C LEU C 9 -16.89 -35.88 18.07
N LYS C 10 -17.86 -36.07 17.20
CA LYS C 10 -18.15 -37.41 16.71
C LYS C 10 -17.95 -37.53 15.20
N VAL C 11 -17.65 -36.40 14.56
CA VAL C 11 -17.44 -36.41 13.12
C VAL C 11 -16.28 -35.53 12.67
N LEU C 12 -16.36 -34.24 12.98
CA LEU C 12 -15.32 -33.29 12.59
C LEU C 12 -13.96 -33.63 13.14
N ASP C 13 -12.94 -33.41 12.33
CA ASP C 13 -11.57 -33.67 12.75
C ASP C 13 -11.14 -32.48 13.59
N SER C 14 -10.20 -32.71 14.49
CA SER C 14 -9.70 -31.69 15.40
C SER C 14 -9.62 -30.27 14.82
N LYS C 15 -8.77 -30.08 13.82
CA LYS C 15 -8.58 -28.76 13.22
C LYS C 15 -9.82 -28.17 12.54
N THR C 16 -10.59 -28.98 11.81
CA THR C 16 -11.79 -28.45 11.18
C THR C 16 -12.64 -27.84 12.31
N ALA C 17 -12.87 -28.63 13.36
CA ALA C 17 -13.66 -28.16 14.49
C ALA C 17 -13.09 -26.86 15.07
N GLN C 18 -11.78 -26.83 15.34
CA GLN C 18 -11.15 -25.62 15.88
C GLN C 18 -11.46 -24.43 14.99
N ASN C 19 -11.23 -24.58 13.70
CA ASN C 19 -11.47 -23.50 12.73
C ASN C 19 -12.93 -23.10 12.63
N LEU C 20 -13.82 -24.07 12.52
CA LEU C 20 -15.24 -23.79 12.42
C LEU C 20 -15.69 -23.00 13.63
N SER C 21 -15.17 -23.41 14.79
CA SER C 21 -15.51 -22.75 16.05
C SER C 21 -15.07 -21.30 16.05
N ILE C 22 -13.80 -21.07 15.76
CA ILE C 22 -13.30 -19.70 15.72
C ILE C 22 -14.14 -18.87 14.74
N PHE C 23 -14.43 -19.46 13.58
CA PHE C 23 -15.21 -18.79 12.56
C PHE C 23 -16.62 -18.42 12.98
N LEU C 24 -17.36 -19.40 13.52
CA LEU C 24 -18.72 -19.16 13.96
C LEU C 24 -18.74 -18.14 15.09
N GLY C 25 -17.83 -18.34 16.05
CA GLY C 25 -17.75 -17.44 17.19
C GLY C 25 -17.46 -15.97 16.89
N SER C 26 -17.28 -15.65 15.61
CA SER C 26 -17.00 -14.28 15.23
C SER C 26 -18.06 -13.84 14.23
N PHE C 27 -18.67 -14.82 13.58
CA PHE C 27 -19.72 -14.55 12.62
C PHE C 27 -20.93 -14.16 13.45
N ARG C 28 -21.16 -14.92 14.51
CA ARG C 28 -22.26 -14.68 15.43
C ARG C 28 -23.59 -14.56 14.71
N MET C 29 -24.22 -15.70 14.47
CA MET C 29 -25.51 -15.74 13.81
C MET C 29 -26.10 -17.13 13.93
N PRO C 30 -27.36 -17.23 14.39
CA PRO C 30 -28.02 -18.52 14.55
C PRO C 30 -27.83 -19.37 13.29
N TYR C 31 -27.42 -20.62 13.48
CA TYR C 31 -27.18 -21.50 12.35
C TYR C 31 -28.37 -21.62 11.42
N GLN C 32 -29.55 -21.81 11.97
CA GLN C 32 -30.73 -21.92 11.12
C GLN C 32 -30.87 -20.67 10.27
N GLU C 33 -30.58 -19.51 10.85
CA GLU C 33 -30.69 -18.26 10.10
C GLU C 33 -29.65 -18.21 8.98
N ILE C 34 -28.45 -18.72 9.24
CA ILE C 34 -27.42 -18.72 8.21
C ILE C 34 -27.93 -19.62 7.09
N LYS C 35 -28.54 -20.74 7.46
CA LYS C 35 -29.10 -21.66 6.49
C LYS C 35 -30.09 -20.94 5.58
N ASN C 36 -31.02 -20.21 6.17
CA ASN C 36 -32.02 -19.50 5.38
C ASN C 36 -31.34 -18.47 4.49
N VAL C 37 -30.36 -17.77 5.02
CA VAL C 37 -29.64 -16.77 4.25
C VAL C 37 -29.08 -17.39 2.97
N ILE C 38 -28.49 -18.56 3.11
CA ILE C 38 -27.93 -19.28 1.97
C ILE C 38 -29.03 -19.74 1.03
N LEU C 39 -30.08 -20.31 1.59
CA LEU C 39 -31.22 -20.79 0.80
C LEU C 39 -31.88 -19.74 -0.09
N GLU C 40 -32.23 -18.59 0.49
CA GLU C 40 -32.90 -17.55 -0.28
C GLU C 40 -31.93 -16.58 -0.89
N VAL C 41 -30.63 -16.86 -0.77
CA VAL C 41 -29.62 -15.98 -1.32
C VAL C 41 -29.97 -14.57 -0.84
N ASN C 42 -30.11 -14.42 0.46
CA ASN C 42 -30.44 -13.13 1.06
C ASN C 42 -29.31 -12.17 0.76
N GLU C 43 -29.51 -11.32 -0.23
CA GLU C 43 -28.45 -10.39 -0.61
C GLU C 43 -28.22 -9.20 0.32
N ALA C 44 -28.97 -9.13 1.42
CA ALA C 44 -28.79 -8.05 2.38
C ALA C 44 -27.79 -8.54 3.43
N VAL C 45 -27.46 -9.83 3.34
CA VAL C 45 -26.53 -10.44 4.28
C VAL C 45 -25.28 -10.97 3.59
N LEU C 46 -25.46 -11.70 2.50
CA LEU C 46 -24.35 -12.29 1.77
C LEU C 46 -23.41 -11.25 1.14
N THR C 47 -22.12 -11.54 1.21
CA THR C 47 -21.08 -10.71 0.64
C THR C 47 -20.08 -11.69 0.05
N GLU C 48 -19.19 -11.18 -0.80
CA GLU C 48 -18.18 -12.03 -1.39
C GLU C 48 -17.33 -12.70 -0.31
N SER C 49 -16.89 -11.93 0.69
CA SER C 49 -16.08 -12.49 1.78
C SER C 49 -16.79 -13.63 2.52
N MET C 50 -18.04 -13.37 2.92
CA MET C 50 -18.83 -14.36 3.64
C MET C 50 -18.86 -15.68 2.88
N ILE C 51 -19.32 -15.63 1.63
CA ILE C 51 -19.37 -16.83 0.79
C ILE C 51 -18.02 -17.55 0.73
N GLN C 52 -16.95 -16.79 0.53
CA GLN C 52 -15.63 -17.40 0.45
C GLN C 52 -15.28 -18.04 1.79
N ASN C 53 -15.60 -17.33 2.88
CA ASN C 53 -15.32 -17.88 4.19
C ASN C 53 -16.16 -19.11 4.42
N LEU C 54 -17.44 -19.03 4.08
CA LEU C 54 -18.31 -20.18 4.26
C LEU C 54 -17.72 -21.37 3.51
N ILE C 55 -17.34 -21.13 2.26
CA ILE C 55 -16.77 -22.17 1.42
C ILE C 55 -15.47 -22.72 2.02
N LYS C 56 -14.63 -21.84 2.56
CA LYS C 56 -13.39 -22.28 3.14
C LYS C 56 -13.59 -23.11 4.41
N GLN C 57 -14.56 -22.73 5.24
CA GLN C 57 -14.81 -23.44 6.50
C GLN C 57 -15.74 -24.64 6.40
N MET C 58 -16.63 -24.63 5.42
CA MET C 58 -17.59 -25.70 5.27
C MET C 58 -16.98 -27.10 5.32
N PRO C 59 -17.31 -27.88 6.36
CA PRO C 59 -16.77 -29.24 6.45
C PRO C 59 -17.00 -29.96 5.13
N GLU C 60 -16.20 -30.99 4.85
CA GLU C 60 -16.33 -31.74 3.61
C GLU C 60 -17.67 -32.45 3.56
N PRO C 61 -18.18 -32.74 2.34
CA PRO C 61 -19.45 -33.42 2.12
C PRO C 61 -19.64 -34.67 2.99
N GLU C 62 -18.63 -35.53 3.00
CA GLU C 62 -18.70 -36.75 3.79
C GLU C 62 -18.94 -36.46 5.27
N GLN C 63 -18.30 -35.41 5.78
CA GLN C 63 -18.46 -35.05 7.19
C GLN C 63 -19.84 -34.47 7.46
N LEU C 64 -20.38 -33.72 6.50
CA LEU C 64 -21.71 -33.14 6.66
C LEU C 64 -22.72 -34.28 6.66
N LYS C 65 -22.50 -35.27 5.79
CA LYS C 65 -23.40 -36.41 5.72
C LYS C 65 -23.38 -37.13 7.06
N MET C 66 -22.20 -37.60 7.46
CA MET C 66 -22.04 -38.30 8.73
C MET C 66 -22.72 -37.56 9.87
N LEU C 67 -22.68 -36.25 9.80
CA LEU C 67 -23.31 -35.45 10.84
C LEU C 67 -24.82 -35.48 10.71
N SER C 68 -25.32 -35.29 9.49
CA SER C 68 -26.76 -35.30 9.27
C SER C 68 -27.38 -36.56 9.83
N GLU C 69 -26.59 -37.64 9.91
CA GLU C 69 -27.07 -38.90 10.43
C GLU C 69 -26.85 -38.94 11.94
N LEU C 70 -26.91 -37.76 12.54
CA LEU C 70 -26.72 -37.59 13.98
C LEU C 70 -27.54 -36.42 14.53
N LYS C 71 -28.52 -35.96 13.75
CA LYS C 71 -29.36 -34.84 14.19
C LYS C 71 -29.88 -35.11 15.60
N GLU C 72 -30.13 -36.38 15.88
CA GLU C 72 -30.62 -36.86 17.16
C GLU C 72 -30.11 -36.12 18.40
N GLU C 73 -28.81 -36.25 18.67
CA GLU C 73 -28.18 -35.64 19.83
C GLU C 73 -27.69 -34.21 19.59
N TYR C 74 -28.43 -33.46 18.78
CA TYR C 74 -28.09 -32.09 18.46
C TYR C 74 -27.66 -31.24 19.65
N ASP C 75 -28.33 -31.41 20.79
CA ASP C 75 -28.03 -30.62 21.98
C ASP C 75 -26.73 -31.03 22.68
N ASP C 76 -26.24 -32.23 22.38
CA ASP C 76 -25.03 -32.73 22.98
C ASP C 76 -23.80 -32.39 22.13
N LEU C 77 -24.04 -32.20 20.83
CA LEU C 77 -22.96 -31.88 19.90
C LEU C 77 -22.42 -30.48 20.18
N ALA C 78 -21.14 -30.29 19.88
CA ALA C 78 -20.49 -28.99 20.09
C ALA C 78 -20.98 -28.01 19.05
N GLU C 79 -20.76 -26.73 19.29
CA GLU C 79 -21.18 -25.71 18.35
C GLU C 79 -20.74 -26.06 16.94
N SER C 80 -19.45 -26.34 16.79
CA SER C 80 -18.89 -26.69 15.48
C SER C 80 -19.69 -27.78 14.78
N GLU C 81 -20.07 -28.82 15.52
CA GLU C 81 -20.82 -29.93 14.92
C GLU C 81 -22.32 -29.66 14.73
N GLN C 82 -22.85 -28.66 15.42
CA GLN C 82 -24.26 -28.35 15.26
C GLN C 82 -24.39 -27.63 13.93
N PHE C 83 -23.53 -26.65 13.72
CA PHE C 83 -23.54 -25.92 12.47
C PHE C 83 -23.49 -26.97 11.36
N GLY C 84 -22.70 -28.01 11.59
CA GLY C 84 -22.58 -29.07 10.62
C GLY C 84 -23.93 -29.68 10.30
N VAL C 85 -24.62 -30.14 11.35
CA VAL C 85 -25.93 -30.74 11.18
C VAL C 85 -26.86 -29.83 10.38
N VAL C 86 -26.92 -28.56 10.75
CA VAL C 86 -27.80 -27.63 10.04
C VAL C 86 -27.38 -27.48 8.58
N MET C 87 -26.08 -27.31 8.33
CA MET C 87 -25.61 -27.16 6.96
C MET C 87 -25.80 -28.46 6.18
N GLY C 88 -25.68 -29.58 6.88
CA GLY C 88 -25.84 -30.87 6.25
C GLY C 88 -27.26 -31.12 5.73
N THR C 89 -28.11 -30.10 5.78
CA THR C 89 -29.47 -30.25 5.30
C THR C 89 -29.76 -29.36 4.09
N VAL C 90 -28.76 -28.61 3.65
CA VAL C 90 -28.93 -27.75 2.49
C VAL C 90 -28.47 -28.52 1.28
N PRO C 91 -29.39 -28.89 0.39
CA PRO C 91 -29.05 -29.64 -0.83
C PRO C 91 -28.04 -28.93 -1.70
N ARG C 92 -27.06 -29.68 -2.22
CA ARG C 92 -26.02 -29.14 -3.09
C ARG C 92 -25.28 -27.97 -2.49
N LEU C 93 -24.98 -28.04 -1.19
CA LEU C 93 -24.29 -26.95 -0.53
C LEU C 93 -23.21 -26.31 -1.38
N ARG C 94 -22.18 -27.08 -1.77
CA ARG C 94 -21.09 -26.51 -2.56
C ARG C 94 -21.44 -25.86 -3.90
N PRO C 95 -22.00 -26.62 -4.86
CA PRO C 95 -22.32 -25.94 -6.12
C PRO C 95 -23.20 -24.72 -5.89
N ARG C 96 -24.02 -24.78 -4.85
CA ARG C 96 -24.91 -23.68 -4.49
C ARG C 96 -24.04 -22.48 -4.07
N LEU C 97 -23.15 -22.74 -3.12
CA LEU C 97 -22.26 -21.70 -2.64
C LEU C 97 -21.41 -21.11 -3.77
N ASN C 98 -20.89 -21.96 -4.66
CA ASN C 98 -20.07 -21.48 -5.76
C ASN C 98 -20.85 -20.66 -6.78
N ALA C 99 -22.16 -20.90 -6.87
CA ALA C 99 -23.00 -20.16 -7.80
C ALA C 99 -23.25 -18.78 -7.23
N ILE C 100 -23.52 -18.75 -5.93
CA ILE C 100 -23.75 -17.47 -5.27
C ILE C 100 -22.46 -16.64 -5.38
N LEU C 101 -21.33 -17.24 -5.04
CA LEU C 101 -20.06 -16.51 -5.14
C LEU C 101 -19.91 -15.95 -6.55
N PHE C 102 -20.35 -16.75 -7.53
CA PHE C 102 -20.28 -16.34 -8.93
C PHE C 102 -21.16 -15.12 -9.18
N LYS C 103 -22.40 -15.17 -8.69
CA LYS C 103 -23.32 -14.04 -8.88
C LYS C 103 -22.76 -12.79 -8.22
N LEU C 104 -22.17 -12.94 -7.04
CA LEU C 104 -21.61 -11.80 -6.32
C LEU C 104 -20.37 -11.23 -7.01
N GLN C 105 -19.62 -12.08 -7.70
CA GLN C 105 -18.40 -11.61 -8.37
C GLN C 105 -18.51 -11.17 -9.83
N PHE C 106 -19.48 -11.71 -10.57
CA PHE C 106 -19.60 -11.43 -12.00
C PHE C 106 -19.45 -9.99 -12.52
N SER C 107 -20.36 -9.10 -12.14
CA SER C 107 -20.30 -7.72 -12.63
C SER C 107 -18.93 -7.13 -12.36
N GLU C 108 -18.37 -7.47 -11.20
CA GLU C 108 -17.07 -6.97 -10.83
C GLU C 108 -16.03 -7.41 -11.84
N GLN C 109 -15.99 -8.70 -12.14
CA GLN C 109 -14.97 -9.16 -13.09
C GLN C 109 -15.16 -8.64 -14.50
N VAL C 110 -16.40 -8.37 -14.91
CA VAL C 110 -16.61 -7.81 -16.23
C VAL C 110 -16.06 -6.40 -16.18
N GLU C 111 -16.39 -5.70 -15.10
CA GLU C 111 -15.92 -4.34 -14.92
C GLU C 111 -14.39 -4.28 -14.93
N ASN C 112 -13.74 -5.34 -14.47
CA ASN C 112 -12.28 -5.37 -14.46
C ASN C 112 -11.66 -5.88 -15.75
N ILE C 113 -12.46 -6.47 -16.61
CA ILE C 113 -11.95 -7.00 -17.87
C ILE C 113 -12.17 -6.01 -19.01
N LYS C 114 -13.37 -5.42 -19.04
CA LYS C 114 -13.76 -4.48 -20.08
C LYS C 114 -12.74 -3.36 -20.41
N PRO C 115 -12.25 -2.63 -19.39
CA PRO C 115 -11.27 -1.54 -19.60
C PRO C 115 -10.04 -1.92 -20.42
N GLU C 116 -9.52 -3.13 -20.22
CA GLU C 116 -8.35 -3.60 -20.96
C GLU C 116 -8.68 -3.59 -22.45
N ILE C 117 -9.88 -4.04 -22.78
CA ILE C 117 -10.32 -4.12 -24.16
C ILE C 117 -10.59 -2.74 -24.73
N VAL C 118 -11.19 -1.88 -23.92
CA VAL C 118 -11.52 -0.54 -24.34
C VAL C 118 -10.27 0.29 -24.65
N SER C 119 -9.26 0.18 -23.80
CA SER C 119 -8.01 0.91 -24.04
C SER C 119 -7.44 0.48 -25.38
N VAL C 120 -7.14 -0.81 -25.49
CA VAL C 120 -6.58 -1.36 -26.72
C VAL C 120 -7.41 -0.98 -27.93
N THR C 121 -8.73 -1.08 -27.80
CA THR C 121 -9.60 -0.74 -28.92
C THR C 121 -9.40 0.73 -29.28
N ALA C 122 -9.48 1.61 -28.30
CA ALA C 122 -9.32 3.03 -28.53
C ALA C 122 -7.99 3.37 -29.19
N ALA C 123 -6.90 2.80 -28.67
CA ALA C 123 -5.59 3.05 -29.24
C ALA C 123 -5.60 2.74 -30.73
N CYS C 124 -6.23 1.64 -31.10
CA CYS C 124 -6.33 1.23 -32.50
C CYS C 124 -7.12 2.25 -33.30
N GLU C 125 -8.29 2.63 -32.79
CA GLU C 125 -9.13 3.61 -33.46
C GLU C 125 -8.39 4.95 -33.57
N GLU C 126 -7.74 5.35 -32.48
CA GLU C 126 -7.01 6.61 -32.42
C GLU C 126 -5.91 6.70 -33.47
N LEU C 127 -5.25 5.57 -33.76
CA LEU C 127 -4.19 5.57 -34.76
C LEU C 127 -4.72 5.85 -36.16
N ARG C 128 -5.52 4.92 -36.68
CA ARG C 128 -6.11 5.06 -38.00
C ARG C 128 -6.58 6.49 -38.23
N LYS C 129 -7.16 7.09 -37.19
CA LYS C 129 -7.66 8.45 -37.27
C LYS C 129 -6.59 9.46 -36.84
N ASN C 132 -2.85 10.44 -38.96
CA ASN C 132 -1.87 11.51 -39.19
C ASN C 132 -0.46 11.06 -38.81
N PHE C 133 -0.33 10.43 -37.63
CA PHE C 133 0.96 9.96 -37.15
C PHE C 133 1.57 8.94 -38.10
N SER C 134 0.83 8.57 -39.13
CA SER C 134 1.32 7.61 -40.12
C SER C 134 2.64 8.14 -40.65
N SER C 135 2.54 9.12 -41.54
CA SER C 135 3.71 9.75 -42.13
C SER C 135 4.47 10.45 -41.00
N LEU C 136 5.52 9.80 -40.48
CA LEU C 136 6.29 10.37 -39.40
C LEU C 136 7.32 9.39 -38.83
N LEU C 137 8.03 8.66 -39.71
CA LEU C 137 9.02 7.70 -39.24
C LEU C 137 9.65 6.91 -40.40
N GLU C 138 8.79 6.39 -41.25
CA GLU C 138 9.22 5.62 -42.41
C GLU C 138 10.24 6.44 -43.18
N LEU C 139 9.97 7.74 -43.27
CA LEU C 139 10.82 8.67 -43.96
C LEU C 139 12.20 8.80 -43.31
N MET C 177 21.74 16.46 -34.47
CA MET C 177 21.44 15.63 -33.31
C MET C 177 21.12 14.20 -33.76
N THR C 178 19.83 13.85 -33.79
CA THR C 178 19.40 12.52 -34.19
C THR C 178 18.36 12.57 -35.30
N LEU C 179 18.00 11.42 -35.84
CA LEU C 179 17.01 11.34 -36.90
C LEU C 179 15.69 11.95 -36.42
N LEU C 180 15.36 11.73 -35.16
CA LEU C 180 14.13 12.25 -34.58
C LEU C 180 14.12 13.76 -34.70
N HIS C 181 15.19 14.40 -34.25
CA HIS C 181 15.27 15.86 -34.30
C HIS C 181 15.22 16.34 -35.75
N PHE C 182 15.87 15.59 -36.64
CA PHE C 182 15.90 15.93 -38.06
C PHE C 182 14.48 15.93 -38.62
N LEU C 183 13.84 14.77 -38.59
CA LEU C 183 12.47 14.67 -39.09
C LEU C 183 11.60 15.68 -38.35
N ALA C 184 11.89 15.86 -37.06
CA ALA C 184 11.16 16.81 -36.24
C ALA C 184 11.39 18.19 -36.81
N GLU C 185 12.63 18.43 -37.22
CA GLU C 185 13.02 19.72 -37.78
C GLU C 185 12.16 20.02 -39.00
N LEU C 186 12.10 19.07 -39.93
CA LEU C 186 11.31 19.25 -41.15
C LEU C 186 9.82 19.49 -40.85
N CYS C 187 9.29 18.72 -39.90
CA CYS C 187 7.88 18.84 -39.52
C CYS C 187 7.64 20.15 -38.78
N GLU C 188 8.53 21.11 -38.99
CA GLU C 188 8.44 22.41 -38.36
C GLU C 188 8.58 23.48 -39.43
N ASN C 189 9.31 23.16 -40.50
CA ASN C 189 9.54 24.09 -41.59
C ASN C 189 8.65 23.86 -42.81
N ASP C 190 8.70 22.64 -43.34
CA ASP C 190 7.92 22.30 -44.53
C ASP C 190 6.53 21.74 -44.22
N HIS C 191 6.48 20.64 -43.47
CA HIS C 191 5.20 20.01 -43.12
C HIS C 191 4.90 20.18 -41.62
N PRO C 192 4.83 21.42 -41.13
CA PRO C 192 4.55 21.61 -39.70
C PRO C 192 3.18 21.09 -39.31
N GLU C 193 2.88 21.13 -38.03
CA GLU C 193 1.59 20.69 -37.49
C GLU C 193 1.28 19.22 -37.73
N VAL C 194 2.22 18.48 -38.33
CA VAL C 194 2.00 17.06 -38.59
C VAL C 194 2.28 16.28 -37.31
N LEU C 195 2.44 17.01 -36.20
CA LEU C 195 2.71 16.41 -34.90
C LEU C 195 1.49 15.65 -34.40
N LEU C 201 -4.53 9.75 -29.12
CA LEU C 201 -3.56 8.75 -28.69
C LEU C 201 -3.61 8.62 -27.17
N ALA C 202 -4.64 9.21 -26.57
CA ALA C 202 -4.81 9.19 -25.13
C ALA C 202 -4.88 7.77 -24.55
N HIS C 203 -4.94 6.76 -25.42
CA HIS C 203 -5.00 5.38 -24.95
C HIS C 203 -3.78 4.54 -25.30
N VAL C 204 -2.91 5.08 -26.16
CA VAL C 204 -1.72 4.36 -26.55
C VAL C 204 -0.92 3.96 -25.32
N GLU C 205 -0.89 4.83 -24.33
CA GLU C 205 -0.16 4.54 -23.11
C GLU C 205 -0.82 3.37 -22.38
N LYS C 206 -2.12 3.46 -22.15
CA LYS C 206 -2.85 2.39 -21.48
C LYS C 206 -2.64 1.07 -22.22
N ALA C 207 -2.86 1.11 -23.53
CA ALA C 207 -2.70 -0.08 -24.36
C ALA C 207 -1.35 -0.77 -24.16
N SER C 208 -0.31 0.00 -23.86
CA SER C 208 1.02 -0.57 -23.67
C SER C 208 1.17 -1.38 -22.38
N ARG C 209 0.32 -1.10 -21.40
CA ARG C 209 0.40 -1.81 -20.12
C ARG C 209 -0.48 -3.06 -20.08
N VAL C 210 -1.37 -3.20 -21.05
CA VAL C 210 -2.27 -4.34 -21.16
C VAL C 210 -1.47 -5.60 -21.53
N SER C 211 -2.05 -6.77 -21.28
CA SER C 211 -1.41 -8.05 -21.62
C SER C 211 -2.39 -8.98 -22.33
N ALA C 212 -2.36 -8.94 -23.66
CA ALA C 212 -3.25 -9.75 -24.48
C ALA C 212 -3.43 -11.17 -23.98
N GLU C 213 -2.35 -11.79 -23.54
CA GLU C 213 -2.39 -13.16 -23.06
C GLU C 213 -3.39 -13.32 -21.90
N ASN C 214 -3.18 -12.58 -20.83
CA ASN C 214 -4.06 -12.65 -19.66
C ASN C 214 -5.48 -12.21 -19.97
N LEU C 215 -5.64 -11.35 -20.96
CA LEU C 215 -6.96 -10.87 -21.35
C LEU C 215 -7.77 -12.05 -21.88
N GLN C 216 -7.12 -12.90 -22.68
CA GLN C 216 -7.81 -14.06 -23.24
C GLN C 216 -8.11 -15.06 -22.13
N LYS C 217 -7.12 -15.31 -21.28
CA LYS C 217 -7.31 -16.25 -20.17
C LYS C 217 -8.49 -15.85 -19.30
N SER C 218 -8.70 -14.56 -19.10
CA SER C 218 -9.81 -14.10 -18.29
C SER C 218 -11.15 -14.39 -18.93
N LEU C 219 -11.26 -14.10 -20.22
CA LEU C 219 -12.50 -14.36 -20.93
C LEU C 219 -12.74 -15.86 -20.94
N ASP C 220 -11.68 -16.63 -21.18
CA ASP C 220 -11.80 -18.08 -21.19
C ASP C 220 -12.18 -18.57 -19.80
N GLN C 221 -11.60 -17.96 -18.76
CA GLN C 221 -11.92 -18.35 -17.40
C GLN C 221 -13.37 -18.01 -17.09
N MET C 222 -13.83 -16.88 -17.61
CA MET C 222 -15.21 -16.46 -17.38
C MET C 222 -16.15 -17.48 -18.02
N LYS C 223 -15.87 -17.80 -19.28
CA LYS C 223 -16.67 -18.76 -20.04
C LYS C 223 -16.92 -20.06 -19.25
N LYS C 224 -15.86 -20.62 -18.67
CA LYS C 224 -15.99 -21.85 -17.90
C LYS C 224 -16.90 -21.58 -16.72
N GLN C 225 -16.58 -20.54 -15.95
CA GLN C 225 -17.37 -20.18 -14.78
C GLN C 225 -18.86 -20.16 -15.06
N ILE C 226 -19.26 -19.52 -16.14
CA ILE C 226 -20.67 -19.44 -16.48
C ILE C 226 -21.19 -20.85 -16.78
N ALA C 227 -20.50 -21.54 -17.68
CA ALA C 227 -20.86 -22.90 -18.08
C ALA C 227 -20.98 -23.83 -16.90
N ASP C 228 -20.10 -23.66 -15.91
CA ASP C 228 -20.13 -24.51 -14.74
C ASP C 228 -21.35 -24.21 -13.92
N VAL C 229 -21.64 -22.93 -13.70
CA VAL C 229 -22.81 -22.54 -12.92
C VAL C 229 -24.05 -23.02 -13.62
N GLU C 230 -24.12 -22.77 -14.92
CA GLU C 230 -25.25 -23.16 -15.75
C GLU C 230 -25.53 -24.67 -15.58
N ARG C 231 -24.48 -25.47 -15.71
CA ARG C 231 -24.59 -26.92 -15.59
C ARG C 231 -25.09 -27.32 -14.20
N ASP C 232 -24.46 -26.77 -13.16
CA ASP C 232 -24.88 -27.06 -11.80
C ASP C 232 -26.35 -26.73 -11.61
N VAL C 233 -26.79 -25.62 -12.18
CA VAL C 233 -28.17 -25.21 -12.06
C VAL C 233 -29.08 -26.24 -12.74
N GLN C 234 -28.75 -26.61 -13.98
CA GLN C 234 -29.54 -27.58 -14.74
C GLN C 234 -29.54 -28.94 -14.07
N ASN C 235 -28.50 -29.23 -13.30
CA ASN C 235 -28.43 -30.52 -12.63
C ASN C 235 -28.87 -30.44 -11.19
N PHE C 236 -29.53 -29.34 -10.85
CA PHE C 236 -29.99 -29.09 -9.48
C PHE C 236 -31.21 -29.89 -9.07
N PRO C 237 -31.34 -30.18 -7.76
CA PRO C 237 -32.47 -30.94 -7.20
C PRO C 237 -33.79 -30.17 -7.28
N ALA C 238 -34.84 -30.79 -6.76
CA ALA C 238 -36.16 -30.18 -6.73
C ALA C 238 -36.27 -29.40 -5.43
N ALA C 239 -36.62 -28.12 -5.55
CA ALA C 239 -36.74 -27.26 -4.38
C ALA C 239 -37.98 -27.57 -3.55
N THR C 240 -37.81 -28.33 -2.48
CA THR C 240 -38.91 -28.68 -1.60
C THR C 240 -39.20 -27.51 -0.67
N ASP C 241 -38.21 -27.17 0.15
CA ASP C 241 -38.32 -26.04 1.08
C ASP C 241 -38.51 -24.78 0.25
N GLU C 242 -39.72 -24.24 0.26
CA GLU C 242 -40.06 -23.03 -0.51
C GLU C 242 -39.15 -21.83 -0.25
N LYS C 243 -38.32 -21.94 0.79
CA LYS C 243 -37.41 -20.87 1.15
C LYS C 243 -36.17 -20.90 0.26
N ASP C 244 -36.09 -21.92 -0.59
CA ASP C 244 -34.97 -22.10 -1.51
C ASP C 244 -35.30 -21.48 -2.86
N LYS C 245 -34.97 -20.20 -3.03
CA LYS C 245 -35.21 -19.49 -4.28
C LYS C 245 -33.92 -19.50 -5.10
N PHE C 246 -33.28 -20.66 -5.19
CA PHE C 246 -32.02 -20.77 -5.90
C PHE C 246 -32.07 -21.01 -7.39
N VAL C 247 -32.74 -22.07 -7.81
CA VAL C 247 -32.82 -22.39 -9.23
C VAL C 247 -33.42 -21.24 -10.02
N GLU C 248 -34.40 -20.57 -9.41
CA GLU C 248 -35.07 -19.45 -10.05
C GLU C 248 -34.10 -18.27 -10.28
N LYS C 249 -33.57 -17.74 -9.18
CA LYS C 249 -32.65 -16.63 -9.25
C LYS C 249 -31.50 -16.92 -10.21
N MET C 250 -30.81 -18.02 -9.96
CA MET C 250 -29.67 -18.41 -10.77
C MET C 250 -29.94 -18.59 -12.25
N THR C 251 -31.01 -19.29 -12.60
CA THR C 251 -31.33 -19.50 -14.01
C THR C 251 -31.44 -18.14 -14.66
N SER C 252 -32.05 -17.22 -13.95
CA SER C 252 -32.21 -15.87 -14.46
C SER C 252 -30.87 -15.14 -14.56
N PHE C 253 -30.09 -15.18 -13.49
CA PHE C 253 -28.80 -14.50 -13.49
C PHE C 253 -27.90 -15.05 -14.60
N VAL C 254 -27.77 -16.38 -14.66
CA VAL C 254 -26.95 -17.02 -15.67
C VAL C 254 -27.32 -16.49 -17.05
N LYS C 255 -28.61 -16.21 -17.24
CA LYS C 255 -29.07 -15.68 -18.52
C LYS C 255 -28.40 -14.32 -18.73
N ASP C 256 -28.48 -13.45 -17.72
CA ASP C 256 -27.90 -12.12 -17.79
C ASP C 256 -26.38 -12.11 -17.96
N ALA C 257 -25.69 -12.94 -17.19
CA ALA C 257 -24.24 -13.01 -17.28
C ALA C 257 -23.86 -13.50 -18.68
N GLN C 258 -24.70 -14.37 -19.22
CA GLN C 258 -24.49 -14.92 -20.54
C GLN C 258 -24.53 -13.79 -21.56
N GLU C 259 -25.59 -12.97 -21.49
CA GLU C 259 -25.72 -11.86 -22.42
C GLU C 259 -24.53 -10.93 -22.29
N GLN C 260 -24.12 -10.63 -21.06
CA GLN C 260 -23.00 -9.74 -20.84
C GLN C 260 -21.69 -10.36 -21.33
N TYR C 261 -21.48 -11.63 -21.06
CA TYR C 261 -20.26 -12.27 -21.50
C TYR C 261 -20.21 -12.21 -23.02
N ASN C 262 -21.32 -12.57 -23.67
CA ASN C 262 -21.36 -12.54 -25.12
C ASN C 262 -20.97 -11.14 -25.61
N LYS C 263 -21.56 -10.12 -25.02
CA LYS C 263 -21.25 -8.74 -25.40
C LYS C 263 -19.79 -8.46 -25.16
N LEU C 264 -19.28 -8.95 -24.04
CA LEU C 264 -17.90 -8.75 -23.69
C LEU C 264 -16.97 -9.43 -24.69
N ARG C 265 -17.36 -10.61 -25.15
CA ARG C 265 -16.53 -11.33 -26.12
C ARG C 265 -16.56 -10.67 -27.50
N MET C 266 -17.68 -9.99 -27.80
CA MET C 266 -17.83 -9.28 -29.07
C MET C 266 -16.82 -8.16 -29.10
N MET C 267 -16.67 -7.48 -27.96
CA MET C 267 -15.73 -6.37 -27.83
C MET C 267 -14.30 -6.88 -27.99
N HIS C 268 -14.07 -8.09 -27.51
CA HIS C 268 -12.76 -8.70 -27.59
C HIS C 268 -12.41 -8.94 -29.05
N SER C 269 -13.13 -9.86 -29.67
CA SER C 269 -12.89 -10.19 -31.07
C SER C 269 -12.75 -8.91 -31.91
N ASN C 270 -13.60 -7.92 -31.64
CA ASN C 270 -13.55 -6.65 -32.36
C ASN C 270 -12.16 -6.04 -32.19
N MET C 271 -11.73 -5.93 -30.94
CA MET C 271 -10.44 -5.37 -30.62
C MET C 271 -9.34 -6.05 -31.44
N GLU C 272 -9.41 -7.37 -31.54
CA GLU C 272 -8.42 -8.11 -32.30
C GLU C 272 -8.56 -7.87 -33.79
N THR C 273 -9.79 -7.71 -34.25
CA THR C 273 -10.04 -7.45 -35.65
C THR C 273 -9.34 -6.15 -36.04
N LEU C 274 -9.58 -5.09 -35.28
CA LEU C 274 -8.96 -3.80 -35.55
C LEU C 274 -7.44 -3.89 -35.48
N TYR C 275 -6.93 -4.75 -34.60
CA TYR C 275 -5.49 -4.91 -34.45
C TYR C 275 -4.87 -5.45 -35.73
N LYS C 276 -5.62 -6.28 -36.45
CA LYS C 276 -5.13 -6.84 -37.71
C LYS C 276 -5.26 -5.80 -38.79
N GLU C 277 -6.24 -4.90 -38.64
CA GLU C 277 -6.43 -3.82 -39.61
C GLU C 277 -5.15 -3.01 -39.56
N LEU C 278 -4.45 -3.10 -38.42
CA LEU C 278 -3.18 -2.41 -38.21
C LEU C 278 -2.07 -3.19 -38.89
N GLY C 279 -2.24 -4.51 -38.98
CA GLY C 279 -1.26 -5.35 -39.62
C GLY C 279 -1.27 -5.11 -41.11
N ASP C 280 -2.26 -4.34 -41.56
CA ASP C 280 -2.42 -3.98 -42.97
C ASP C 280 -1.66 -2.70 -43.26
N TYR C 281 -2.15 -1.60 -42.69
CA TYR C 281 -1.56 -0.28 -42.88
C TYR C 281 -0.05 -0.28 -42.61
N PHE C 282 0.35 -0.79 -41.44
CA PHE C 282 1.76 -0.86 -41.08
C PHE C 282 2.33 -2.23 -41.42
N VAL C 283 1.60 -2.94 -42.28
CA VAL C 283 1.98 -4.27 -42.74
C VAL C 283 2.95 -5.03 -41.82
N PHE C 284 2.40 -5.83 -40.92
CA PHE C 284 3.20 -6.61 -40.00
C PHE C 284 2.49 -7.89 -39.59
N ASP C 285 3.16 -8.70 -38.77
CA ASP C 285 2.59 -9.97 -38.32
C ASP C 285 1.87 -9.76 -36.98
N PRO C 286 0.53 -9.64 -37.03
CA PRO C 286 -0.29 -9.44 -35.82
C PRO C 286 -0.02 -10.45 -34.71
N LYS C 287 0.75 -11.49 -35.01
CA LYS C 287 1.07 -12.51 -34.03
C LYS C 287 2.54 -12.44 -33.62
N LYS C 288 3.39 -11.95 -34.51
CA LYS C 288 4.81 -11.82 -34.23
C LYS C 288 4.98 -10.78 -33.13
N LEU C 289 4.21 -9.71 -33.24
CA LEU C 289 4.26 -8.65 -32.24
C LEU C 289 2.92 -8.59 -31.52
N SER C 290 2.97 -8.65 -30.19
CA SER C 290 1.75 -8.60 -29.40
C SER C 290 1.24 -7.18 -29.21
N VAL C 291 -0.08 -7.05 -29.09
CA VAL C 291 -0.70 -5.75 -28.88
C VAL C 291 0.10 -4.96 -27.85
N GLU C 292 0.48 -5.65 -26.78
CA GLU C 292 1.24 -5.03 -25.70
C GLU C 292 2.49 -4.35 -26.26
N GLU C 293 3.25 -5.09 -27.05
CA GLU C 293 4.48 -4.59 -27.64
C GLU C 293 4.26 -3.50 -28.67
N PHE C 294 3.38 -3.77 -29.64
CA PHE C 294 3.10 -2.81 -30.70
C PHE C 294 2.94 -1.41 -30.13
N PHE C 295 2.00 -1.25 -29.21
CA PHE C 295 1.75 0.05 -28.61
C PHE C 295 2.84 0.45 -27.63
N MET C 296 3.66 -0.50 -27.21
CA MET C 296 4.75 -0.18 -26.30
C MET C 296 5.75 0.63 -27.12
N ASP C 297 6.07 0.13 -28.30
CA ASP C 297 7.00 0.84 -29.19
C ASP C 297 6.35 2.14 -29.61
N LEU C 298 5.16 2.03 -30.19
CA LEU C 298 4.42 3.19 -30.65
C LEU C 298 4.39 4.23 -29.54
N HIS C 299 4.46 3.76 -28.29
CA HIS C 299 4.44 4.67 -27.14
C HIS C 299 5.82 5.28 -26.92
N ASN C 300 6.82 4.43 -26.76
CA ASN C 300 8.18 4.90 -26.54
C ASN C 300 8.53 5.85 -27.68
N PHE C 301 7.86 5.66 -28.82
CA PHE C 301 8.09 6.49 -29.99
C PHE C 301 7.51 7.88 -29.77
N ARG C 302 6.20 7.96 -29.63
CA ARG C 302 5.52 9.23 -29.43
C ARG C 302 6.28 10.09 -28.43
N ASN C 303 6.91 9.46 -27.45
CA ASN C 303 7.65 10.21 -26.44
C ASN C 303 8.92 10.83 -27.03
N MET C 304 9.83 9.98 -27.51
CA MET C 304 11.09 10.45 -28.07
C MET C 304 10.91 11.58 -29.08
N PHE C 305 9.91 11.45 -29.94
CA PHE C 305 9.65 12.48 -30.93
C PHE C 305 9.27 13.77 -30.22
N LEU C 306 8.28 13.69 -29.33
CA LEU C 306 7.83 14.85 -28.59
C LEU C 306 8.95 15.50 -27.80
N GLN C 307 9.84 14.66 -27.25
CA GLN C 307 10.95 15.20 -26.49
C GLN C 307 11.91 15.88 -27.44
N ALA C 308 12.15 15.22 -28.57
CA ALA C 308 13.03 15.78 -29.59
C ALA C 308 12.48 17.15 -30.00
N VAL C 309 11.16 17.25 -30.06
CA VAL C 309 10.50 18.50 -30.42
C VAL C 309 10.70 19.55 -29.32
N LYS C 310 10.43 19.16 -28.08
CA LYS C 310 10.58 20.05 -26.94
C LYS C 310 12.01 20.56 -26.86
N GLU C 311 12.97 19.67 -27.13
CA GLU C 311 14.37 20.01 -27.09
C GLU C 311 14.69 21.00 -28.21
N ASN C 312 14.10 20.78 -29.39
CA ASN C 312 14.31 21.67 -30.52
C ASN C 312 13.82 23.06 -30.13
N GLN C 313 12.56 23.14 -29.71
CA GLN C 313 11.97 24.42 -29.32
C GLN C 313 12.75 25.15 -28.23
N LYS C 314 13.45 24.40 -27.37
CA LYS C 314 14.23 25.05 -26.32
C LYS C 314 15.43 25.75 -26.92
N ARG C 315 15.99 25.18 -27.99
CA ARG C 315 17.12 25.79 -28.67
C ARG C 315 16.55 26.95 -29.48
N ARG C 316 15.35 26.74 -30.01
CA ARG C 316 14.66 27.74 -30.79
C ARG C 316 14.61 29.05 -30.02
N GLU C 317 13.85 29.06 -28.92
CA GLU C 317 13.71 30.24 -28.08
C GLU C 317 15.07 30.79 -27.64
N THR C 318 15.92 29.92 -27.14
CA THR C 318 17.24 30.33 -26.68
C THR C 318 18.00 31.12 -27.76
N GLU C 319 17.53 31.04 -28.99
CA GLU C 319 18.17 31.79 -30.08
C GLU C 319 17.59 33.20 -30.12
N GLU C 320 16.29 33.31 -29.83
CA GLU C 320 15.63 34.61 -29.80
C GLU C 320 16.31 35.43 -28.70
N LYS C 321 16.70 34.73 -27.64
CA LYS C 321 17.38 35.34 -26.51
C LYS C 321 18.86 35.44 -26.85
N MET C 322 19.14 35.85 -28.08
CA MET C 322 20.50 36.01 -28.57
C MET C 322 20.50 37.07 -29.65
N ARG C 323 19.45 37.11 -30.44
CA ARG C 323 19.33 38.09 -31.53
C ARG C 323 19.05 39.49 -30.97
N ARG C 324 18.21 39.54 -29.94
CA ARG C 324 17.88 40.82 -29.31
C ARG C 324 19.06 41.31 -28.49
N ALA C 325 19.56 40.45 -27.61
CA ALA C 325 20.69 40.79 -26.74
C ALA C 325 21.89 41.32 -27.51
N LYS C 326 21.91 41.09 -28.82
CA LYS C 326 23.02 41.53 -29.66
C LYS C 326 22.76 42.89 -30.32
N LEU C 327 21.50 43.30 -30.36
CA LEU C 327 21.14 44.57 -30.97
C LEU C 327 20.46 45.54 -30.00
N LYS D 7 -19.81 18.93 -32.80
CA LYS D 7 -21.21 19.32 -32.46
C LYS D 7 -21.22 20.30 -31.30
N GLU D 8 -22.21 21.18 -31.27
CA GLU D 8 -22.31 22.19 -30.22
C GLU D 8 -23.20 21.75 -29.06
N LEU D 9 -22.99 22.38 -27.90
CA LEU D 9 -23.77 22.08 -26.71
C LEU D 9 -24.96 23.03 -26.62
N LYS D 10 -26.12 22.47 -26.29
CA LYS D 10 -27.33 23.27 -26.19
C LYS D 10 -27.87 23.34 -24.76
N VAL D 11 -27.31 22.51 -23.88
CA VAL D 11 -27.75 22.47 -22.49
C VAL D 11 -26.56 22.36 -21.54
N LEU D 12 -25.89 21.22 -21.57
CA LEU D 12 -24.75 20.97 -20.70
C LEU D 12 -23.73 22.10 -20.73
N ASP D 13 -23.07 22.30 -19.59
CA ASP D 13 -22.07 23.33 -19.44
C ASP D 13 -20.66 22.76 -19.61
N SER D 14 -19.84 23.49 -20.36
CA SER D 14 -18.45 23.13 -20.64
C SER D 14 -17.89 21.86 -20.00
N LYS D 15 -17.28 22.02 -18.82
CA LYS D 15 -16.67 20.90 -18.09
C LYS D 15 -17.60 19.70 -17.87
N THR D 16 -18.86 19.97 -17.53
CA THR D 16 -19.82 18.88 -17.32
C THR D 16 -19.83 17.97 -18.54
N ALA D 17 -19.96 18.59 -19.71
CA ALA D 17 -19.98 17.84 -20.96
C ALA D 17 -18.62 17.18 -21.13
N GLN D 18 -17.58 17.90 -20.72
CA GLN D 18 -16.21 17.41 -20.81
C GLN D 18 -16.07 16.07 -20.11
N ASN D 19 -16.61 15.98 -18.90
CA ASN D 19 -16.53 14.76 -18.11
C ASN D 19 -17.36 13.61 -18.67
N LEU D 20 -18.60 13.89 -19.06
CA LEU D 20 -19.46 12.85 -19.60
C LEU D 20 -18.86 12.24 -20.85
N SER D 21 -18.28 13.07 -21.70
CA SER D 21 -17.65 12.60 -22.92
C SER D 21 -16.67 11.50 -22.54
N ILE D 22 -15.82 11.80 -21.55
CA ILE D 22 -14.83 10.85 -21.07
C ILE D 22 -15.49 9.62 -20.48
N PHE D 23 -16.15 9.81 -19.35
CA PHE D 23 -16.85 8.74 -18.63
C PHE D 23 -17.53 7.74 -19.54
N LEU D 24 -18.47 8.22 -20.35
CA LEU D 24 -19.20 7.35 -21.26
C LEU D 24 -18.28 6.67 -22.28
N GLY D 25 -17.23 7.37 -22.68
CA GLY D 25 -16.30 6.81 -23.65
C GLY D 25 -15.56 5.59 -23.15
N SER D 26 -14.85 5.74 -22.03
CA SER D 26 -14.11 4.63 -21.44
C SER D 26 -15.10 3.66 -20.80
N PHE D 27 -16.38 3.99 -20.95
CA PHE D 27 -17.49 3.18 -20.43
C PHE D 27 -17.91 2.23 -21.54
N ARG D 28 -18.01 2.76 -22.75
CA ARG D 28 -18.39 2.00 -23.94
C ARG D 28 -19.63 1.14 -23.67
N MET D 29 -20.80 1.73 -23.89
CA MET D 29 -22.08 1.04 -23.68
C MET D 29 -23.26 1.89 -24.14
N PRO D 30 -24.07 1.36 -25.07
CA PRO D 30 -25.25 2.05 -25.62
C PRO D 30 -26.05 2.74 -24.50
N TYR D 31 -26.37 4.00 -24.70
CA TYR D 31 -27.13 4.77 -23.71
C TYR D 31 -28.42 4.09 -23.33
N GLN D 32 -29.05 3.44 -24.30
CA GLN D 32 -30.30 2.75 -24.06
C GLN D 32 -30.08 1.56 -23.13
N GLU D 33 -28.91 0.93 -23.23
CA GLU D 33 -28.57 -0.22 -22.40
C GLU D 33 -28.38 0.25 -20.97
N ILE D 34 -27.73 1.39 -20.81
CA ILE D 34 -27.50 1.96 -19.49
C ILE D 34 -28.85 2.21 -18.84
N LYS D 35 -29.78 2.77 -19.60
CA LYS D 35 -31.10 3.05 -19.10
C LYS D 35 -31.78 1.78 -18.58
N ASN D 36 -31.84 0.77 -19.43
CA ASN D 36 -32.48 -0.49 -19.07
C ASN D 36 -31.76 -1.21 -17.93
N VAL D 37 -30.44 -1.06 -17.85
CA VAL D 37 -29.67 -1.66 -16.77
C VAL D 37 -30.08 -0.98 -15.48
N ILE D 38 -30.23 0.34 -15.52
CA ILE D 38 -30.63 1.11 -14.35
C ILE D 38 -32.06 0.81 -13.94
N LEU D 39 -32.94 0.63 -14.93
CA LEU D 39 -34.35 0.34 -14.67
C LEU D 39 -34.59 -1.03 -14.06
N GLU D 40 -34.11 -2.07 -14.75
CA GLU D 40 -34.28 -3.44 -14.26
C GLU D 40 -33.37 -3.75 -13.08
N VAL D 41 -32.40 -2.87 -12.83
CA VAL D 41 -31.44 -3.07 -11.75
C VAL D 41 -30.73 -4.39 -12.04
N ASN D 42 -30.09 -4.43 -13.22
CA ASN D 42 -29.37 -5.60 -13.69
C ASN D 42 -28.09 -5.78 -12.86
N GLU D 43 -28.09 -6.79 -12.00
CA GLU D 43 -26.95 -7.05 -11.13
C GLU D 43 -25.79 -7.74 -11.83
N ALA D 44 -25.98 -8.06 -13.11
CA ALA D 44 -24.93 -8.69 -13.91
C ALA D 44 -24.09 -7.57 -14.55
N VAL D 45 -24.57 -6.34 -14.43
CA VAL D 45 -23.86 -5.20 -14.97
C VAL D 45 -23.49 -4.22 -13.87
N LEU D 46 -24.45 -3.89 -13.01
CA LEU D 46 -24.22 -2.94 -11.94
C LEU D 46 -23.22 -3.32 -10.85
N THR D 47 -22.43 -2.34 -10.44
CA THR D 47 -21.42 -2.48 -9.38
C THR D 47 -21.42 -1.21 -8.54
N GLU D 48 -20.89 -1.29 -7.32
CA GLU D 48 -20.85 -0.13 -6.43
C GLU D 48 -20.30 1.08 -7.17
N SER D 49 -19.08 0.98 -7.68
CA SER D 49 -18.45 2.10 -8.38
C SER D 49 -19.26 2.59 -9.57
N MET D 50 -19.76 1.67 -10.40
CA MET D 50 -20.54 2.08 -11.57
C MET D 50 -21.67 3.02 -11.16
N ILE D 51 -22.34 2.70 -10.04
CA ILE D 51 -23.41 3.55 -9.56
C ILE D 51 -22.86 4.86 -9.00
N GLN D 52 -21.75 4.79 -8.27
CA GLN D 52 -21.13 5.98 -7.70
C GLN D 52 -20.69 6.92 -8.82
N ASN D 53 -20.31 6.34 -9.95
CA ASN D 53 -19.87 7.13 -11.08
C ASN D 53 -21.03 7.77 -11.82
N LEU D 54 -22.15 7.04 -11.92
CA LEU D 54 -23.32 7.60 -12.60
C LEU D 54 -23.81 8.74 -11.74
N ILE D 55 -23.92 8.49 -10.44
CA ILE D 55 -24.37 9.51 -9.50
C ILE D 55 -23.47 10.74 -9.56
N LYS D 56 -22.17 10.50 -9.61
CA LYS D 56 -21.19 11.58 -9.64
C LYS D 56 -21.01 12.25 -11.01
N GLN D 57 -21.64 11.70 -12.05
CA GLN D 57 -21.50 12.27 -13.39
C GLN D 57 -22.84 12.71 -14.01
N MET D 58 -23.93 12.27 -13.40
CA MET D 58 -25.26 12.59 -13.90
C MET D 58 -25.55 14.10 -13.90
N PRO D 59 -26.04 14.62 -15.04
CA PRO D 59 -26.35 16.05 -15.14
C PRO D 59 -27.42 16.40 -14.10
N GLU D 60 -27.41 17.66 -13.67
CA GLU D 60 -28.39 18.14 -12.71
C GLU D 60 -29.80 17.95 -13.26
N PRO D 61 -30.78 17.66 -12.40
CA PRO D 61 -32.16 17.45 -12.85
C PRO D 61 -32.63 18.57 -13.80
N GLU D 62 -32.41 19.81 -13.39
CA GLU D 62 -32.79 20.97 -14.19
C GLU D 62 -32.22 20.88 -15.61
N GLN D 63 -31.02 20.29 -15.72
CA GLN D 63 -30.37 20.14 -17.02
C GLN D 63 -31.03 19.01 -17.80
N LEU D 64 -31.42 17.95 -17.10
CA LEU D 64 -32.05 16.82 -17.76
C LEU D 64 -33.41 17.23 -18.32
N LYS D 65 -34.09 18.13 -17.59
CA LYS D 65 -35.40 18.62 -18.02
C LYS D 65 -35.22 19.43 -19.29
N MET D 66 -34.13 20.17 -19.35
CA MET D 66 -33.83 20.99 -20.51
C MET D 66 -33.38 20.12 -21.68
N LEU D 67 -32.65 19.05 -21.37
CA LEU D 67 -32.14 18.17 -22.41
C LEU D 67 -33.23 17.34 -23.09
N SER D 68 -34.31 17.07 -22.36
CA SER D 68 -35.40 16.27 -22.92
C SER D 68 -36.46 17.14 -23.59
N GLU D 69 -36.49 18.42 -23.22
CA GLU D 69 -37.46 19.35 -23.79
C GLU D 69 -37.14 19.77 -25.23
N LEU D 70 -36.43 18.90 -25.95
CA LEU D 70 -36.07 19.14 -27.35
C LEU D 70 -35.05 18.11 -27.81
N LYS D 71 -35.51 16.86 -27.96
CA LYS D 71 -34.64 15.78 -28.41
C LYS D 71 -34.94 15.37 -29.85
N GLU D 72 -35.82 16.12 -30.50
CA GLU D 72 -36.19 15.85 -31.89
C GLU D 72 -34.94 15.96 -32.76
N GLU D 73 -33.89 16.53 -32.18
CA GLU D 73 -32.62 16.70 -32.86
C GLU D 73 -31.57 15.85 -32.13
N TYR D 74 -31.94 14.60 -31.84
CA TYR D 74 -31.07 13.67 -31.13
C TYR D 74 -29.72 13.47 -31.82
N ASP D 75 -29.75 13.07 -33.08
CA ASP D 75 -28.53 12.84 -33.85
C ASP D 75 -27.64 14.06 -33.85
N ASP D 76 -28.25 15.23 -33.70
CA ASP D 76 -27.52 16.50 -33.70
C ASP D 76 -26.87 16.85 -32.36
N LEU D 77 -27.10 16.01 -31.35
CA LEU D 77 -26.52 16.26 -30.03
C LEU D 77 -25.24 15.46 -29.80
N ALA D 78 -24.28 16.09 -29.12
CA ALA D 78 -23.01 15.45 -28.81
C ALA D 78 -23.31 14.24 -27.93
N GLU D 79 -22.46 13.22 -28.01
CA GLU D 79 -22.65 12.01 -27.23
C GLU D 79 -22.99 12.32 -25.77
N SER D 80 -22.38 13.37 -25.23
CA SER D 80 -22.62 13.77 -23.84
C SER D 80 -24.09 14.13 -23.63
N GLU D 81 -24.65 14.93 -24.55
CA GLU D 81 -26.04 15.35 -24.43
C GLU D 81 -27.05 14.32 -24.92
N GLN D 82 -26.60 13.37 -25.74
CA GLN D 82 -27.51 12.32 -26.20
C GLN D 82 -27.79 11.46 -24.96
N PHE D 83 -26.73 11.21 -24.20
CA PHE D 83 -26.82 10.45 -22.97
C PHE D 83 -27.79 11.19 -22.05
N GLY D 84 -27.65 12.51 -22.01
CA GLY D 84 -28.50 13.34 -21.18
C GLY D 84 -29.97 13.11 -21.51
N VAL D 85 -30.29 13.10 -22.80
CA VAL D 85 -31.66 12.89 -23.25
C VAL D 85 -32.19 11.57 -22.67
N VAL D 86 -31.47 10.49 -22.95
CA VAL D 86 -31.86 9.18 -22.46
C VAL D 86 -32.13 9.18 -20.96
N MET D 87 -31.14 9.60 -20.19
CA MET D 87 -31.29 9.64 -18.74
C MET D 87 -32.46 10.52 -18.32
N GLY D 88 -32.87 11.43 -19.20
CA GLY D 88 -33.99 12.30 -18.91
C GLY D 88 -35.29 11.52 -18.95
N THR D 89 -35.23 10.33 -19.53
CA THR D 89 -36.38 9.43 -19.66
C THR D 89 -36.61 8.56 -18.42
N VAL D 90 -35.68 8.60 -17.47
CA VAL D 90 -35.81 7.77 -16.28
C VAL D 90 -36.46 8.44 -15.07
N PRO D 91 -37.65 7.97 -14.67
CA PRO D 91 -38.41 8.50 -13.53
C PRO D 91 -37.68 8.33 -12.20
N ARG D 92 -37.72 9.37 -11.37
CA ARG D 92 -37.07 9.35 -10.07
C ARG D 92 -35.63 8.84 -10.14
N LEU D 93 -34.90 9.32 -11.15
CA LEU D 93 -33.51 8.93 -11.37
C LEU D 93 -32.65 8.89 -10.10
N ARG D 94 -32.33 10.07 -9.57
CA ARG D 94 -31.48 10.16 -8.38
C ARG D 94 -31.89 9.27 -7.20
N PRO D 95 -33.13 9.39 -6.71
CA PRO D 95 -33.48 8.52 -5.58
C PRO D 95 -33.34 7.06 -5.98
N ARG D 96 -33.71 6.75 -7.22
CA ARG D 96 -33.63 5.38 -7.74
C ARG D 96 -32.18 4.91 -7.63
N LEU D 97 -31.25 5.75 -8.07
CA LEU D 97 -29.84 5.43 -8.03
C LEU D 97 -29.33 5.17 -6.61
N ASN D 98 -29.74 6.01 -5.67
CA ASN D 98 -29.31 5.82 -4.29
C ASN D 98 -29.83 4.53 -3.70
N ALA D 99 -31.08 4.19 -3.97
CA ALA D 99 -31.66 2.95 -3.45
C ALA D 99 -30.83 1.79 -3.98
N ILE D 100 -30.44 1.89 -5.24
CA ILE D 100 -29.62 0.87 -5.88
C ILE D 100 -28.24 0.81 -5.23
N LEU D 101 -27.60 1.97 -5.09
CA LEU D 101 -26.30 2.03 -4.46
C LEU D 101 -26.36 1.40 -3.07
N PHE D 102 -27.40 1.77 -2.34
CA PHE D 102 -27.64 1.26 -0.99
C PHE D 102 -27.70 -0.27 -1.02
N LYS D 103 -28.48 -0.80 -1.95
CA LYS D 103 -28.66 -2.24 -2.08
C LYS D 103 -27.33 -2.95 -2.29
N LEU D 104 -26.44 -2.33 -3.06
CA LEU D 104 -25.12 -2.89 -3.35
C LEU D 104 -24.16 -2.73 -2.18
N GLN D 105 -24.36 -1.70 -1.38
CA GLN D 105 -23.47 -1.43 -0.26
C GLN D 105 -23.86 -2.03 1.08
N PHE D 106 -25.15 -2.13 1.34
CA PHE D 106 -25.61 -2.62 2.63
C PHE D 106 -24.88 -3.79 3.27
N SER D 107 -25.08 -4.99 2.74
CA SER D 107 -24.46 -6.19 3.31
C SER D 107 -23.01 -5.97 3.73
N GLU D 108 -22.25 -5.27 2.89
CA GLU D 108 -20.85 -5.02 3.20
C GLU D 108 -20.61 -3.98 4.28
N GLN D 109 -21.42 -2.92 4.33
CA GLN D 109 -21.19 -1.93 5.36
C GLN D 109 -21.65 -2.47 6.70
N VAL D 110 -22.43 -3.54 6.66
CA VAL D 110 -22.89 -4.20 7.88
C VAL D 110 -21.72 -5.07 8.31
N GLU D 111 -21.15 -5.75 7.33
CA GLU D 111 -20.02 -6.65 7.52
C GLU D 111 -18.86 -5.86 8.12
N ASN D 112 -18.78 -4.58 7.80
CA ASN D 112 -17.69 -3.76 8.32
C ASN D 112 -17.92 -3.34 9.76
N ILE D 113 -19.19 -3.28 10.15
CA ILE D 113 -19.56 -2.87 11.50
C ILE D 113 -19.54 -4.03 12.48
N LYS D 114 -20.34 -5.05 12.20
CA LYS D 114 -20.45 -6.22 13.05
C LYS D 114 -19.17 -6.66 13.75
N PRO D 115 -18.06 -6.78 13.01
CA PRO D 115 -16.81 -7.21 13.65
C PRO D 115 -16.42 -6.36 14.87
N GLU D 116 -16.49 -5.04 14.74
CA GLU D 116 -16.16 -4.15 15.86
C GLU D 116 -16.97 -4.56 17.08
N ILE D 117 -18.28 -4.65 16.89
CA ILE D 117 -19.20 -5.03 17.95
C ILE D 117 -18.81 -6.37 18.58
N VAL D 118 -18.56 -7.36 17.73
CA VAL D 118 -18.19 -8.71 18.16
C VAL D 118 -16.87 -8.74 18.93
N SER D 119 -15.91 -7.93 18.50
CA SER D 119 -14.62 -7.91 19.19
C SER D 119 -14.86 -7.49 20.62
N VAL D 120 -15.47 -6.32 20.80
CA VAL D 120 -15.78 -5.81 22.13
C VAL D 120 -16.60 -6.81 22.93
N THR D 121 -17.69 -7.27 22.32
CA THR D 121 -18.53 -8.24 22.99
C THR D 121 -17.70 -9.41 23.50
N ALA D 122 -16.91 -9.99 22.61
CA ALA D 122 -16.06 -11.13 22.96
C ALA D 122 -15.07 -10.80 24.09
N ALA D 123 -14.44 -9.64 23.98
CA ALA D 123 -13.48 -9.23 25.00
C ALA D 123 -14.16 -9.20 26.37
N CYS D 124 -15.29 -8.48 26.47
CA CYS D 124 -16.03 -8.39 27.72
C CYS D 124 -16.36 -9.80 28.21
N GLU D 125 -16.90 -10.62 27.32
CA GLU D 125 -17.23 -11.99 27.66
C GLU D 125 -15.98 -12.69 28.19
N GLU D 126 -14.90 -12.59 27.43
CA GLU D 126 -13.62 -13.20 27.80
C GLU D 126 -13.14 -12.82 29.19
N LEU D 127 -13.14 -11.51 29.48
CA LEU D 127 -12.70 -11.00 30.77
C LEU D 127 -13.47 -11.61 31.93
N ARG D 128 -14.78 -11.38 31.95
CA ARG D 128 -15.65 -11.89 33.00
C ARG D 128 -15.43 -13.39 33.27
N LYS D 129 -15.39 -14.17 32.19
CA LYS D 129 -15.22 -15.62 32.31
C LYS D 129 -13.78 -16.08 32.51
N SER D 130 -12.84 -15.14 32.55
CA SER D 130 -11.43 -15.51 32.73
C SER D 130 -11.03 -15.60 34.20
N GLU D 131 -10.97 -16.83 34.69
CA GLU D 131 -10.62 -17.07 36.08
C GLU D 131 -9.15 -16.74 36.38
N ASN D 132 -8.25 -17.12 35.48
CA ASN D 132 -6.84 -16.85 35.68
C ASN D 132 -6.60 -15.36 35.88
N PHE D 133 -7.33 -14.54 35.14
CA PHE D 133 -7.18 -13.10 35.28
C PHE D 133 -7.68 -12.69 36.65
N SER D 134 -8.69 -13.41 37.13
CA SER D 134 -9.28 -13.14 38.44
C SER D 134 -8.21 -13.46 39.49
N SER D 135 -7.59 -14.63 39.36
CA SER D 135 -6.55 -15.05 40.29
C SER D 135 -5.46 -13.98 40.33
N LEU D 136 -5.05 -13.53 39.14
CA LEU D 136 -4.03 -12.51 38.99
C LEU D 136 -4.41 -11.25 39.76
N LEU D 137 -5.71 -10.94 39.76
CA LEU D 137 -6.21 -9.77 40.45
C LEU D 137 -6.07 -9.91 41.97
N GLU D 138 -6.19 -11.14 42.46
CA GLU D 138 -6.07 -11.42 43.88
C GLU D 138 -4.67 -11.11 44.37
N LEU D 139 -3.71 -11.85 43.85
CA LEU D 139 -2.31 -11.70 44.20
C LEU D 139 -1.94 -10.22 44.26
N THR D 140 -2.61 -9.41 43.45
CA THR D 140 -2.36 -7.97 43.41
C THR D 140 -2.56 -7.35 44.78
N SER D 162 -8.04 -1.50 36.40
CA SER D 162 -7.71 -0.44 35.46
C SER D 162 -6.38 0.23 35.82
N PHE D 163 -6.26 0.62 37.09
CA PHE D 163 -5.05 1.26 37.58
C PHE D 163 -4.04 0.16 37.90
N LEU D 164 -3.80 -0.71 36.92
CA LEU D 164 -2.88 -1.83 37.10
C LEU D 164 -1.58 -1.67 36.29
N CYS D 165 -1.58 -0.72 35.37
CA CYS D 165 -0.40 -0.46 34.55
C CYS D 165 0.55 0.43 35.36
N LYS D 166 0.37 0.41 36.68
CA LYS D 166 1.18 1.23 37.58
C LYS D 166 2.16 0.38 38.41
N LEU D 167 1.90 -0.92 38.50
CA LEU D 167 2.75 -1.84 39.26
C LEU D 167 4.19 -1.78 38.76
N ARG D 168 4.33 -1.55 37.46
CA ARG D 168 5.63 -1.45 36.81
C ARG D 168 6.36 -0.19 37.29
N ASP D 169 5.58 0.76 37.79
CA ASP D 169 6.12 2.03 38.25
C ASP D 169 6.38 2.07 39.76
N THR D 170 6.53 0.89 40.37
CA THR D 170 6.79 0.81 41.81
C THR D 170 7.98 -0.10 42.09
N LYS D 171 8.13 -0.48 43.36
CA LYS D 171 9.22 -1.36 43.78
C LYS D 171 8.61 -2.57 44.48
N SER D 172 9.45 -3.54 44.86
CA SER D 172 8.97 -4.74 45.54
C SER D 172 9.60 -4.93 46.92
N ALA D 173 9.35 -6.09 47.52
CA ALA D 173 9.89 -6.40 48.84
C ALA D 173 11.33 -5.93 48.91
N ASP D 174 12.18 -6.53 48.08
CA ASP D 174 13.59 -6.15 48.01
C ASP D 174 13.72 -4.97 47.06
N GLN D 175 14.81 -4.95 46.29
CA GLN D 175 15.04 -3.88 45.33
C GLN D 175 15.48 -4.44 43.99
N LYS D 176 15.70 -3.54 43.03
CA LYS D 176 16.11 -3.94 41.69
C LYS D 176 15.13 -4.96 41.10
N MET D 177 13.83 -4.64 41.22
CA MET D 177 12.78 -5.51 40.71
C MET D 177 11.40 -4.91 40.96
N THR D 178 10.81 -4.32 39.91
CA THR D 178 9.49 -3.72 40.04
C THR D 178 8.49 -4.72 40.59
N LEU D 179 7.49 -4.21 41.30
CA LEU D 179 6.45 -5.06 41.89
C LEU D 179 5.85 -5.97 40.84
N LEU D 180 5.75 -5.47 39.61
CA LEU D 180 5.21 -6.23 38.49
C LEU D 180 5.95 -7.56 38.35
N HIS D 181 7.28 -7.49 38.41
CA HIS D 181 8.13 -8.69 38.30
C HIS D 181 7.86 -9.66 39.43
N PHE D 182 7.87 -9.16 40.67
CA PHE D 182 7.63 -10.01 41.83
C PHE D 182 6.28 -10.70 41.67
N LEU D 183 5.30 -9.95 41.20
CA LEU D 183 3.97 -10.48 40.98
C LEU D 183 4.05 -11.60 39.94
N ALA D 184 4.68 -11.29 38.81
CA ALA D 184 4.85 -12.25 37.73
C ALA D 184 5.70 -13.46 38.14
N GLU D 185 6.70 -13.22 38.98
CA GLU D 185 7.56 -14.30 39.44
C GLU D 185 6.77 -15.18 40.39
N LEU D 186 6.09 -14.56 41.35
CA LEU D 186 5.29 -15.30 42.31
C LEU D 186 4.32 -16.17 41.52
N CYS D 187 3.80 -15.60 40.44
CA CYS D 187 2.87 -16.30 39.57
C CYS D 187 3.54 -17.49 38.90
N GLU D 188 4.73 -17.25 38.32
CA GLU D 188 5.47 -18.29 37.62
C GLU D 188 5.95 -19.43 38.52
N ASN D 189 6.18 -19.15 39.81
CA ASN D 189 6.66 -20.19 40.71
C ASN D 189 5.58 -21.16 41.20
N ASP D 190 4.52 -20.64 41.81
CA ASP D 190 3.45 -21.50 42.30
C ASP D 190 2.05 -21.16 41.80
N HIS D 191 1.98 -20.59 40.61
CA HIS D 191 0.71 -20.22 39.98
C HIS D 191 0.87 -20.36 38.47
N PRO D 192 1.48 -21.47 38.00
CA PRO D 192 1.68 -21.68 36.57
C PRO D 192 0.45 -21.38 35.73
N GLU D 193 -0.72 -21.37 36.38
CA GLU D 193 -1.97 -21.13 35.70
C GLU D 193 -2.25 -19.66 35.37
N VAL D 194 -2.09 -18.77 36.35
CA VAL D 194 -2.33 -17.36 36.10
C VAL D 194 -1.52 -16.89 34.88
N LEU D 195 -0.45 -17.61 34.57
CA LEU D 195 0.41 -17.30 33.43
C LEU D 195 -0.23 -17.80 32.13
N LYS D 196 -1.56 -17.84 32.12
CA LYS D 196 -2.28 -18.31 30.94
C LYS D 196 -3.41 -17.34 30.64
N PHE D 197 -3.60 -16.37 31.53
CA PHE D 197 -4.67 -15.40 31.35
C PHE D 197 -4.59 -14.61 30.05
N PRO D 198 -3.37 -14.36 29.55
CA PRO D 198 -3.33 -13.60 28.29
C PRO D 198 -3.94 -14.42 27.16
N ASP D 199 -3.83 -15.73 27.29
CA ASP D 199 -4.36 -16.67 26.30
C ASP D 199 -5.86 -16.89 26.46
N GLU D 200 -6.49 -16.11 27.31
CA GLU D 200 -7.93 -16.21 27.54
C GLU D 200 -8.55 -14.85 27.27
N LEU D 201 -7.70 -13.89 26.93
CA LEU D 201 -8.12 -12.54 26.62
C LEU D 201 -7.86 -12.26 25.16
N ALA D 202 -8.22 -13.24 24.33
CA ALA D 202 -8.02 -13.18 22.88
C ALA D 202 -8.43 -11.88 22.19
N HIS D 203 -9.71 -11.52 22.31
CA HIS D 203 -10.23 -10.32 21.66
C HIS D 203 -9.93 -8.99 22.35
N VAL D 204 -9.15 -9.02 23.42
CA VAL D 204 -8.82 -7.78 24.12
C VAL D 204 -8.13 -6.79 23.21
N GLU D 205 -7.17 -7.25 22.42
CA GLU D 205 -6.44 -6.35 21.54
C GLU D 205 -7.35 -5.77 20.46
N LYS D 206 -8.17 -6.63 19.85
CA LYS D 206 -9.08 -6.17 18.81
C LYS D 206 -10.03 -5.11 19.39
N ALA D 207 -10.44 -5.32 20.64
CA ALA D 207 -11.34 -4.39 21.32
C ALA D 207 -10.70 -3.03 21.55
N SER D 208 -9.42 -3.04 21.95
CA SER D 208 -8.69 -1.80 22.22
C SER D 208 -8.53 -0.94 20.96
N ARG D 209 -8.80 -1.55 19.81
CA ARG D 209 -8.66 -0.86 18.53
C ARG D 209 -9.97 -0.17 18.13
N VAL D 210 -11.08 -0.66 18.66
CA VAL D 210 -12.40 -0.13 18.34
C VAL D 210 -12.60 1.32 18.79
N SER D 211 -13.51 2.01 18.11
CA SER D 211 -13.85 3.40 18.41
C SER D 211 -15.35 3.48 18.67
N ALA D 212 -15.76 3.30 19.93
CA ALA D 212 -17.17 3.34 20.29
C ALA D 212 -17.90 4.53 19.69
N GLU D 213 -17.21 5.65 19.54
CA GLU D 213 -17.84 6.82 18.95
C GLU D 213 -18.21 6.48 17.52
N ASN D 214 -17.20 6.12 16.73
CA ASN D 214 -17.40 5.75 15.33
C ASN D 214 -18.40 4.60 15.17
N LEU D 215 -18.32 3.62 16.06
CA LEU D 215 -19.23 2.50 16.00
C LEU D 215 -20.66 3.00 16.01
N GLN D 216 -20.95 3.98 16.87
CA GLN D 216 -22.29 4.53 16.96
C GLN D 216 -22.66 5.33 15.71
N LYS D 217 -21.78 6.25 15.30
CA LYS D 217 -22.05 7.05 14.11
C LYS D 217 -22.46 6.20 12.92
N SER D 218 -21.82 5.05 12.77
CA SER D 218 -22.14 4.13 11.68
C SER D 218 -23.57 3.63 11.79
N LEU D 219 -23.93 3.08 12.94
CA LEU D 219 -25.28 2.57 13.13
C LEU D 219 -26.32 3.68 12.91
N ASP D 220 -25.89 4.93 13.07
CA ASP D 220 -26.78 6.06 12.87
C ASP D 220 -26.89 6.37 11.38
N GLN D 221 -25.76 6.56 10.73
CA GLN D 221 -25.76 6.85 9.30
C GLN D 221 -26.58 5.76 8.61
N MET D 222 -26.40 4.53 9.07
CA MET D 222 -27.13 3.40 8.51
C MET D 222 -28.63 3.56 8.75
N LYS D 223 -28.98 3.94 9.98
CA LYS D 223 -30.37 4.14 10.37
C LYS D 223 -31.03 5.13 9.40
N LYS D 224 -30.32 6.20 9.08
CA LYS D 224 -30.82 7.21 8.17
C LYS D 224 -30.86 6.65 6.75
N GLN D 225 -29.78 5.95 6.38
CA GLN D 225 -29.66 5.33 5.07
C GLN D 225 -30.90 4.50 4.73
N ILE D 226 -31.27 3.58 5.64
CA ILE D 226 -32.43 2.74 5.43
C ILE D 226 -33.71 3.55 5.38
N ALA D 227 -33.83 4.52 6.28
CA ALA D 227 -35.00 5.37 6.35
C ALA D 227 -35.23 6.04 4.98
N ASP D 228 -34.23 6.77 4.51
CA ASP D 228 -34.30 7.48 3.24
C ASP D 228 -34.73 6.59 2.07
N VAL D 229 -34.07 5.45 1.90
CA VAL D 229 -34.40 4.54 0.81
C VAL D 229 -35.82 4.02 0.95
N GLU D 230 -36.29 3.84 2.18
CA GLU D 230 -37.65 3.36 2.40
C GLU D 230 -38.62 4.42 1.95
N ARG D 231 -38.31 5.67 2.30
CA ARG D 231 -39.11 6.82 1.94
C ARG D 231 -39.23 6.91 0.42
N ASP D 232 -38.08 7.06 -0.23
CA ASP D 232 -38.00 7.17 -1.68
C ASP D 232 -38.80 6.07 -2.38
N VAL D 233 -38.90 4.91 -1.75
CA VAL D 233 -39.65 3.81 -2.33
C VAL D 233 -41.15 4.02 -2.08
N GLN D 234 -41.51 4.15 -0.81
CA GLN D 234 -42.91 4.36 -0.44
C GLN D 234 -43.46 5.61 -1.10
N ASN D 235 -42.61 6.31 -1.85
CA ASN D 235 -43.04 7.52 -2.56
C ASN D 235 -42.82 7.36 -4.06
N PHE D 236 -42.37 6.18 -4.46
CA PHE D 236 -42.11 5.89 -5.86
C PHE D 236 -43.40 5.73 -6.64
N PRO D 237 -43.41 6.19 -7.92
CA PRO D 237 -44.56 6.12 -8.83
C PRO D 237 -44.99 4.70 -9.16
N ALA D 238 -45.51 4.52 -10.37
CA ALA D 238 -45.96 3.21 -10.83
C ALA D 238 -45.20 2.80 -12.09
N ALA D 239 -45.65 1.73 -12.73
CA ALA D 239 -45.00 1.23 -13.93
C ALA D 239 -45.37 1.97 -15.22
N THR D 240 -44.63 3.03 -15.53
CA THR D 240 -44.87 3.80 -16.74
C THR D 240 -44.15 3.08 -17.87
N ASP D 241 -43.62 1.90 -17.55
CA ASP D 241 -42.88 1.07 -18.50
C ASP D 241 -42.69 -0.29 -17.84
N GLU D 242 -43.16 -1.35 -18.50
CA GLU D 242 -43.05 -2.71 -17.97
C GLU D 242 -41.62 -3.22 -17.87
N LYS D 243 -40.66 -2.30 -17.89
CA LYS D 243 -39.25 -2.65 -17.79
C LYS D 243 -38.73 -2.25 -16.41
N ASP D 244 -39.37 -1.23 -15.84
CA ASP D 244 -38.99 -0.72 -14.53
C ASP D 244 -39.48 -1.63 -13.41
N LYS D 245 -38.56 -2.40 -12.85
CA LYS D 245 -38.86 -3.33 -11.76
C LYS D 245 -38.13 -2.86 -10.50
N PHE D 246 -38.29 -1.59 -10.18
CA PHE D 246 -37.64 -0.98 -9.03
C PHE D 246 -38.37 -1.32 -7.73
N VAL D 247 -39.53 -0.71 -7.54
CA VAL D 247 -40.33 -0.92 -6.34
C VAL D 247 -40.48 -2.41 -6.07
N GLU D 248 -40.52 -3.18 -7.15
CA GLU D 248 -40.67 -4.63 -7.07
C GLU D 248 -39.69 -5.24 -6.07
N LYS D 249 -38.40 -5.14 -6.39
CA LYS D 249 -37.34 -5.69 -5.56
C LYS D 249 -37.02 -4.84 -4.33
N MET D 250 -36.64 -3.59 -4.59
CA MET D 250 -36.28 -2.65 -3.55
C MET D 250 -37.12 -2.71 -2.27
N THR D 251 -38.42 -2.88 -2.41
CA THR D 251 -39.30 -2.97 -1.25
C THR D 251 -38.97 -4.23 -0.47
N SER D 252 -38.68 -5.31 -1.18
CA SER D 252 -38.33 -6.57 -0.56
C SER D 252 -36.97 -6.50 0.11
N PHE D 253 -36.06 -5.73 -0.47
CA PHE D 253 -34.73 -5.60 0.09
C PHE D 253 -34.75 -4.83 1.40
N VAL D 254 -35.27 -3.61 1.35
CA VAL D 254 -35.34 -2.76 2.53
C VAL D 254 -35.88 -3.56 3.71
N LYS D 255 -36.86 -4.41 3.43
CA LYS D 255 -37.46 -5.25 4.44
C LYS D 255 -36.37 -6.05 5.13
N ASP D 256 -35.59 -6.78 4.34
CA ASP D 256 -34.49 -7.60 4.86
C ASP D 256 -33.37 -6.76 5.46
N ALA D 257 -33.09 -5.60 4.87
CA ALA D 257 -32.05 -4.74 5.39
C ALA D 257 -32.46 -4.28 6.78
N GLN D 258 -33.77 -4.15 6.97
CA GLN D 258 -34.34 -3.71 8.25
C GLN D 258 -34.12 -4.76 9.34
N GLU D 259 -34.54 -5.98 9.05
CA GLU D 259 -34.40 -7.11 9.96
C GLU D 259 -32.95 -7.24 10.37
N GLN D 260 -32.04 -6.96 9.43
CA GLN D 260 -30.62 -7.06 9.69
C GLN D 260 -30.10 -5.90 10.52
N TYR D 261 -30.58 -4.69 10.24
CA TYR D 261 -30.14 -3.55 11.01
C TYR D 261 -30.59 -3.72 12.45
N ASN D 262 -31.83 -4.17 12.65
CA ASN D 262 -32.36 -4.37 14.00
C ASN D 262 -31.49 -5.34 14.77
N LYS D 263 -31.18 -6.48 14.17
CA LYS D 263 -30.37 -7.49 14.83
C LYS D 263 -29.00 -6.92 15.18
N LEU D 264 -28.49 -6.07 14.31
CA LEU D 264 -27.20 -5.45 14.53
C LEU D 264 -27.29 -4.58 15.78
N ARG D 265 -28.29 -3.68 15.79
CA ARG D 265 -28.51 -2.78 16.93
C ARG D 265 -28.63 -3.55 18.24
N MET D 266 -29.32 -4.68 18.20
CA MET D 266 -29.49 -5.51 19.37
C MET D 266 -28.12 -6.00 19.85
N MET D 267 -27.24 -6.33 18.90
CA MET D 267 -25.89 -6.79 19.22
C MET D 267 -25.11 -5.65 19.84
N HIS D 268 -25.27 -4.46 19.25
CA HIS D 268 -24.58 -3.27 19.73
C HIS D 268 -25.05 -2.89 21.12
N SER D 269 -26.30 -3.21 21.42
CA SER D 269 -26.87 -2.92 22.74
C SER D 269 -26.33 -3.95 23.73
N ASN D 270 -26.32 -5.21 23.32
CA ASN D 270 -25.81 -6.29 24.16
C ASN D 270 -24.36 -5.98 24.54
N MET D 271 -23.65 -5.31 23.63
CA MET D 271 -22.27 -4.92 23.86
C MET D 271 -22.25 -3.86 24.96
N GLU D 272 -22.85 -2.70 24.66
CA GLU D 272 -22.92 -1.60 25.63
C GLU D 272 -23.35 -2.12 26.98
N THR D 273 -24.32 -3.03 26.97
CA THR D 273 -24.84 -3.62 28.20
C THR D 273 -23.76 -4.45 28.90
N LEU D 274 -23.19 -5.44 28.21
CA LEU D 274 -22.15 -6.28 28.81
C LEU D 274 -20.97 -5.48 29.35
N TYR D 275 -20.75 -4.29 28.80
CA TYR D 275 -19.66 -3.44 29.25
C TYR D 275 -20.01 -2.78 30.58
N LYS D 276 -21.31 -2.74 30.89
CA LYS D 276 -21.79 -2.17 32.15
C LYS D 276 -21.53 -3.18 33.25
N GLU D 277 -21.88 -4.44 32.99
CA GLU D 277 -21.69 -5.53 33.94
C GLU D 277 -20.26 -5.60 34.47
N LEU D 278 -19.30 -5.30 33.61
CA LEU D 278 -17.90 -5.31 34.01
C LEU D 278 -17.65 -4.11 34.91
N GLY D 279 -18.41 -3.04 34.69
CA GLY D 279 -18.27 -1.84 35.49
C GLY D 279 -18.72 -2.06 36.92
N ASP D 280 -19.29 -3.23 37.18
CA ASP D 280 -19.75 -3.57 38.52
C ASP D 280 -18.86 -4.66 39.13
N TYR D 281 -18.76 -5.78 38.44
CA TYR D 281 -17.95 -6.91 38.89
C TYR D 281 -16.51 -6.49 39.19
N PHE D 282 -15.92 -5.72 38.28
CA PHE D 282 -14.55 -5.23 38.44
C PHE D 282 -14.63 -3.83 39.03
N VAL D 283 -15.85 -3.41 39.31
CA VAL D 283 -16.13 -2.10 39.89
C VAL D 283 -15.28 -0.96 39.33
N PHE D 284 -15.85 -0.22 38.40
CA PHE D 284 -15.19 0.93 37.78
C PHE D 284 -16.27 1.75 37.03
N ASP D 285 -15.97 3.00 36.73
CA ASP D 285 -16.93 3.88 36.06
C ASP D 285 -16.97 3.75 34.53
N PRO D 286 -17.99 3.06 33.99
CA PRO D 286 -18.19 2.84 32.55
C PRO D 286 -18.70 4.08 31.81
N LYS D 287 -18.70 5.22 32.48
CA LYS D 287 -19.16 6.48 31.89
C LYS D 287 -17.98 7.41 31.62
N LYS D 288 -16.93 7.27 32.45
CA LYS D 288 -15.73 8.07 32.35
C LYS D 288 -14.71 7.42 31.43
N LEU D 289 -14.75 6.10 31.37
CA LEU D 289 -13.84 5.30 30.55
C LEU D 289 -14.56 4.59 29.41
N SER D 290 -14.20 4.92 28.17
CA SER D 290 -14.82 4.31 27.00
C SER D 290 -14.39 2.85 26.88
N VAL D 291 -15.08 2.10 26.02
CA VAL D 291 -14.76 0.69 25.81
C VAL D 291 -13.37 0.57 25.20
N GLU D 292 -13.07 1.47 24.27
CA GLU D 292 -11.77 1.48 23.62
C GLU D 292 -10.65 1.73 24.65
N GLU D 293 -10.72 2.87 25.32
CA GLU D 293 -9.72 3.22 26.33
C GLU D 293 -9.51 2.11 27.35
N PHE D 294 -10.59 1.67 27.99
CA PHE D 294 -10.52 0.60 29.00
C PHE D 294 -9.65 -0.55 28.55
N PHE D 295 -10.11 -1.27 27.53
CA PHE D 295 -9.38 -2.42 27.02
C PHE D 295 -7.96 -2.07 26.58
N MET D 296 -7.77 -0.92 25.96
CA MET D 296 -6.45 -0.51 25.51
C MET D 296 -5.44 -0.58 26.64
N ASP D 297 -5.93 -0.45 27.88
CA ASP D 297 -5.07 -0.51 29.05
C ASP D 297 -4.92 -1.97 29.48
N LEU D 298 -6.03 -2.69 29.52
CA LEU D 298 -5.99 -4.09 29.92
C LEU D 298 -5.04 -4.83 28.98
N HIS D 299 -5.02 -4.40 27.71
CA HIS D 299 -4.15 -5.00 26.72
C HIS D 299 -2.71 -4.61 27.07
N ASN D 300 -2.48 -3.32 27.27
CA ASN D 300 -1.15 -2.83 27.62
C ASN D 300 -0.61 -3.59 28.81
N PHE D 301 -1.44 -3.74 29.84
CA PHE D 301 -1.02 -4.46 31.02
C PHE D 301 -0.68 -5.91 30.70
N ARG D 302 -1.54 -6.56 29.92
CA ARG D 302 -1.30 -7.96 29.55
C ARG D 302 0.09 -8.10 28.93
N ASN D 303 0.47 -7.12 28.12
CA ASN D 303 1.78 -7.13 27.48
C ASN D 303 2.86 -6.90 28.54
N MET D 304 2.67 -5.86 29.35
CA MET D 304 3.61 -5.53 30.41
C MET D 304 3.94 -6.78 31.22
N PHE D 305 2.92 -7.57 31.50
CA PHE D 305 3.07 -8.80 32.26
C PHE D 305 3.93 -9.80 31.50
N LEU D 306 3.61 -10.04 30.24
CA LEU D 306 4.37 -10.98 29.43
C LEU D 306 5.82 -10.52 29.33
N GLN D 307 6.01 -9.21 29.22
CA GLN D 307 7.34 -8.61 29.13
C GLN D 307 8.11 -8.91 30.41
N ALA D 308 7.49 -8.62 31.55
CA ALA D 308 8.11 -8.84 32.85
C ALA D 308 8.54 -10.30 33.00
N VAL D 309 7.67 -11.22 32.57
CA VAL D 309 7.99 -12.64 32.69
C VAL D 309 9.27 -12.97 31.93
N LYS D 310 9.41 -12.36 30.76
CA LYS D 310 10.58 -12.58 29.92
C LYS D 310 11.82 -11.98 30.57
N GLU D 311 11.64 -10.85 31.24
CA GLU D 311 12.75 -10.18 31.91
C GLU D 311 13.24 -11.02 33.10
N ASN D 312 12.30 -11.61 33.84
CA ASN D 312 12.68 -12.44 34.98
C ASN D 312 13.43 -13.66 34.49
N GLN D 313 12.93 -14.29 33.42
CA GLN D 313 13.56 -15.47 32.84
C GLN D 313 14.99 -15.15 32.41
N LYS D 314 15.22 -13.89 32.05
CA LYS D 314 16.54 -13.44 31.64
C LYS D 314 17.41 -13.31 32.88
N ARG D 315 16.96 -12.47 33.82
CA ARG D 315 17.69 -12.25 35.06
C ARG D 315 18.03 -13.59 35.73
N ARG D 316 17.02 -14.42 35.95
CA ARG D 316 17.24 -15.72 36.58
C ARG D 316 17.97 -16.68 35.65
N GLU D 317 18.56 -16.13 34.59
CA GLU D 317 19.28 -16.94 33.62
C GLU D 317 20.74 -16.52 33.62
N THR D 318 20.97 -15.22 33.84
CA THR D 318 22.32 -14.70 33.89
C THR D 318 22.83 -14.91 35.31
N GLU D 319 21.95 -14.72 36.29
CA GLU D 319 22.32 -14.89 37.69
C GLU D 319 22.73 -16.34 37.92
N GLU D 320 22.15 -17.24 37.14
CA GLU D 320 22.46 -18.65 37.26
C GLU D 320 23.93 -18.81 36.87
N LYS D 321 24.41 -17.93 36.00
CA LYS D 321 25.80 -17.97 35.56
C LYS D 321 26.71 -17.26 36.56
N MET D 322 26.23 -16.14 37.09
CA MET D 322 27.01 -15.39 38.06
C MET D 322 27.38 -16.26 39.26
N ARG D 323 26.64 -17.36 39.43
CA ARG D 323 26.92 -18.28 40.53
C ARG D 323 27.76 -19.45 40.02
N ARG D 324 27.82 -19.59 38.70
CA ARG D 324 28.63 -20.64 38.08
C ARG D 324 30.05 -20.09 37.93
N ALA D 325 30.14 -18.76 37.86
CA ALA D 325 31.43 -18.09 37.71
C ALA D 325 32.26 -18.15 38.98
N LYS D 326 31.67 -18.64 40.06
CA LYS D 326 32.38 -18.76 41.33
C LYS D 326 33.16 -20.07 41.33
N LEU D 327 32.71 -21.01 40.52
CA LEU D 327 33.35 -22.32 40.40
C LEU D 327 34.71 -22.16 39.73
#